data_6QNL
#
_entry.id   6QNL
#
_cell.length_a   77.060
_cell.length_b   73.960
_cell.length_c   91.230
_cell.angle_alpha   90.00
_cell.angle_beta   109.00
_cell.angle_gamma   90.00
#
_symmetry.space_group_name_H-M   'P 1 21 1'
#
loop_
_entity.id
_entity.type
_entity.pdbx_description
1 polymer 'Carbonic anhydrase 12'
2 non-polymer 'ZINC ION'
3 non-polymer 'methyl 4-[(4-chloranyl-2-cyclohexylsulfanyl-5-sulfamoyl-phenyl)carbonylamino]butanoate'
4 water water
#
_entity_poly.entity_id   1
_entity_poly.type   'polypeptide(L)'
_entity_poly.pdbx_seq_one_letter_code
;ASKWTYFGPDGENSWSKKYPSCGGLLQSPIDLHSDILQYDASLTPLEFQGYNLSANKQFLLTNNGHSVKLNLPSDMHIQG
LQSRYSATQLHLHWGNPNDPHGSEHTVSGQHFAAELHIVHYNSDLYPDASTASNKSEGLAVLAVLIEMGSFNPSYDKIFS
HLQHVKYKGQEAFVPGFNIEELLPERTAEYYRYRGSLTTPPCNPTVLWTVFRNPVQISQEQLLALETALYCTHMDDPSPR
EMINNFRQVQKFDERLVYTSFSQ
;
_entity_poly.pdbx_strand_id   A,B,C,D
#
loop_
_chem_comp.id
_chem_comp.type
_chem_comp.name
_chem_comp.formula
J92 non-polymer 'methyl 4-[(4-chloranyl-2-cyclohexylsulfanyl-5-sulfamoyl-phenyl)carbonylamino]butanoate' 'C18 H25 Cl N2 O5 S2'
ZN non-polymer 'ZINC ION' 'Zn 2'
#
# COMPACT_ATOMS: atom_id res chain seq x y z
N LYS A 3 2.48 1.36 25.74
CA LYS A 3 1.82 2.31 26.66
C LYS A 3 1.18 3.47 25.89
N TRP A 4 1.92 4.27 25.12
CA TRP A 4 1.27 5.22 24.18
C TRP A 4 2.10 5.36 22.91
N THR A 5 1.41 5.57 21.79
CA THR A 5 2.01 5.62 20.44
C THR A 5 1.33 6.73 19.63
N TYR A 6 1.76 6.93 18.39
CA TYR A 6 1.10 7.85 17.44
C TYR A 6 0.39 7.06 16.33
N PHE A 7 0.24 5.75 16.48
CA PHE A 7 -0.28 4.91 15.36
C PHE A 7 -0.92 3.66 15.95
N GLY A 8 -2.15 3.37 15.54
CA GLY A 8 -2.84 2.11 15.86
C GLY A 8 -3.67 2.27 17.12
N PRO A 9 -3.82 1.21 17.92
CA PRO A 9 -4.77 1.23 19.04
C PRO A 9 -4.37 2.09 20.24
N ASP A 10 -3.08 2.39 20.41
CA ASP A 10 -2.56 3.17 21.56
C ASP A 10 -2.21 4.59 21.11
N GLY A 11 -2.77 4.97 19.96
CA GLY A 11 -2.61 6.28 19.28
C GLY A 11 -3.34 7.38 20.01
N GLU A 12 -3.27 8.58 19.44
CA GLU A 12 -3.61 9.81 20.19
C GLU A 12 -5.09 9.85 20.60
N ASN A 13 -6.00 9.20 19.87
CA ASN A 13 -7.44 9.26 20.25
C ASN A 13 -7.68 8.41 21.52
N SER A 14 -6.73 7.57 21.88
CA SER A 14 -6.83 6.64 23.06
C SER A 14 -5.99 7.16 24.23
N TRP A 15 -5.17 8.21 24.06
CA TRP A 15 -4.32 8.71 25.19
C TRP A 15 -5.18 9.02 26.42
N SER A 16 -6.38 9.56 26.24
CA SER A 16 -7.20 10.04 27.38
C SER A 16 -7.62 8.89 28.29
N LYS A 17 -7.53 7.64 27.84
CA LYS A 17 -7.94 6.48 28.68
C LYS A 17 -7.01 6.42 29.90
N LYS A 18 -5.70 6.51 29.69
CA LYS A 18 -4.73 6.39 30.80
C LYS A 18 -4.26 7.76 31.26
N TYR A 19 -4.41 8.77 30.40
CA TYR A 19 -3.91 10.15 30.63
C TYR A 19 -5.07 11.12 30.48
N PRO A 20 -5.92 11.26 31.52
CA PRO A 20 -7.18 11.99 31.38
C PRO A 20 -7.02 13.43 30.88
N SER A 21 -5.90 14.09 31.20
CA SER A 21 -5.70 15.48 30.77
C SER A 21 -5.71 15.56 29.25
N CYS A 22 -5.41 14.47 28.54
CA CYS A 22 -5.38 14.47 27.04
C CYS A 22 -6.78 14.72 26.48
N GLY A 23 -7.81 14.50 27.28
CA GLY A 23 -9.21 14.90 26.91
C GLY A 23 -9.73 16.11 27.63
N GLY A 24 -8.88 16.86 28.33
CA GLY A 24 -9.27 18.03 29.14
C GLY A 24 -9.10 19.34 28.42
N LEU A 25 -8.94 20.39 29.20
CA LEU A 25 -8.89 21.77 28.69
C LEU A 25 -7.49 22.10 28.17
N LEU A 26 -7.42 23.17 27.38
CA LEU A 26 -6.16 23.90 27.07
C LEU A 26 -5.21 22.98 26.27
N GLN A 27 -5.72 22.09 25.41
CA GLN A 27 -4.84 21.12 24.71
C GLN A 27 -4.11 21.77 23.55
N SER A 28 -2.87 21.34 23.37
CA SER A 28 -1.96 21.72 22.27
C SER A 28 -1.70 20.49 21.41
N PRO A 29 -1.22 20.60 20.17
CA PRO A 29 -0.97 21.87 19.50
C PRO A 29 -2.24 22.42 18.85
N ILE A 30 -2.12 23.55 18.16
CA ILE A 30 -3.26 24.27 17.54
C ILE A 30 -2.81 24.87 16.23
N ASP A 31 -3.81 25.20 15.42
CA ASP A 31 -3.58 25.95 14.17
C ASP A 31 -3.51 27.44 14.52
N LEU A 32 -2.42 28.07 14.12
CA LEU A 32 -2.19 29.51 14.32
C LEU A 32 -2.70 30.24 13.07
N HIS A 33 -3.91 30.80 13.12
CA HIS A 33 -4.48 31.39 11.89
C HIS A 33 -4.95 32.81 12.20
N SER A 34 -4.96 33.64 11.17
CA SER A 34 -5.15 35.11 11.26
C SER A 34 -6.32 35.49 12.16
N ASP A 35 -7.46 34.79 12.08
CA ASP A 35 -8.72 35.18 12.78
C ASP A 35 -8.54 35.21 14.30
N ILE A 36 -7.62 34.41 14.86
CA ILE A 36 -7.45 34.25 16.34
C ILE A 36 -6.16 34.95 16.80
N LEU A 37 -5.41 35.62 15.94
CA LEU A 37 -4.16 36.29 16.39
C LEU A 37 -4.50 37.69 16.93
N GLN A 38 -3.88 38.07 18.04
CA GLN A 38 -4.04 39.44 18.60
C GLN A 38 -2.68 39.99 18.99
N TYR A 39 -2.29 41.12 18.41
CA TYR A 39 -1.03 41.82 18.76
C TYR A 39 -1.10 42.20 20.24
N ASP A 40 -0.04 41.93 20.97
CA ASP A 40 0.12 42.31 22.39
C ASP A 40 1.48 42.98 22.54
N ALA A 41 1.48 44.31 22.70
CA ALA A 41 2.69 45.15 22.87
C ALA A 41 3.46 44.75 24.13
N SER A 42 2.81 44.07 25.09
CA SER A 42 3.43 43.56 26.34
C SER A 42 4.38 42.38 26.08
N LEU A 43 4.34 41.77 24.89
CA LEU A 43 5.18 40.59 24.56
C LEU A 43 6.56 41.05 24.08
N THR A 44 7.45 41.25 25.06
CA THR A 44 8.84 41.75 24.88
C THR A 44 9.75 40.58 24.52
N PRO A 45 10.96 40.85 23.98
CA PRO A 45 11.86 39.78 23.57
C PRO A 45 12.39 38.97 24.75
N LEU A 46 12.48 37.66 24.57
CA LEU A 46 13.09 36.75 25.56
C LEU A 46 14.60 36.82 25.39
N GLU A 47 15.31 36.57 26.48
CA GLU A 47 16.78 36.44 26.51
C GLU A 47 17.09 34.99 26.82
N PHE A 48 18.01 34.43 26.08
CA PHE A 48 18.41 33.01 26.20
C PHE A 48 19.73 32.98 26.95
N GLN A 49 19.72 32.54 28.20
CA GLN A 49 20.87 32.65 29.14
C GLN A 49 21.45 31.25 29.37
N GLY A 50 22.79 31.09 29.30
CA GLY A 50 23.43 29.78 29.52
C GLY A 50 23.13 28.80 28.40
N TYR A 51 22.71 29.30 27.25
CA TYR A 51 22.43 28.46 26.06
C TYR A 51 23.74 28.03 25.40
N ASN A 52 24.84 28.78 25.64
CA ASN A 52 26.16 28.43 25.07
C ASN A 52 26.76 27.35 25.97
N LEU A 53 26.39 26.10 25.70
CA LEU A 53 26.76 24.96 26.56
C LEU A 53 28.26 24.70 26.44
N SER A 54 28.88 24.57 27.60
CA SER A 54 30.31 24.18 27.77
C SER A 54 30.64 23.10 26.74
N ALA A 55 31.52 23.38 25.78
CA ALA A 55 32.07 22.33 24.88
C ALA A 55 32.85 21.28 25.72
N ASN A 56 33.15 21.58 26.99
CA ASN A 56 33.86 20.67 27.92
C ASN A 56 32.88 19.79 28.72
N LYS A 57 31.55 19.99 28.57
CA LYS A 57 30.50 19.09 29.12
C LYS A 57 29.97 18.21 27.98
N GLN A 58 29.52 16.99 28.29
CA GLN A 58 28.79 16.10 27.35
C GLN A 58 27.34 15.97 27.84
N PHE A 59 26.37 16.02 26.92
CA PHE A 59 24.92 16.03 27.25
C PHE A 59 24.28 14.78 26.65
N LEU A 60 23.48 14.09 27.45
CA LEU A 60 22.88 12.78 27.07
C LEU A 60 21.80 12.97 25.99
N LEU A 61 22.00 12.33 24.85
CA LEU A 61 21.00 12.14 23.77
C LEU A 61 20.35 10.76 23.95
N THR A 62 19.01 10.70 23.96
CA THR A 62 18.28 9.44 24.19
C THR A 62 17.22 9.27 23.11
N ASN A 63 17.08 8.05 22.64
CA ASN A 63 15.85 7.61 21.94
C ASN A 63 14.90 7.03 22.98
N ASN A 64 13.80 7.72 23.28
CA ASN A 64 12.85 7.31 24.34
C ASN A 64 11.66 6.57 23.74
N GLY A 65 11.73 6.23 22.46
CA GLY A 65 10.68 5.50 21.73
C GLY A 65 9.56 6.41 21.24
N HIS A 66 9.62 7.70 21.59
CA HIS A 66 8.62 8.71 21.16
C HIS A 66 9.30 9.79 20.33
N SER A 67 10.53 10.15 20.68
CA SER A 67 11.30 11.20 19.98
C SER A 67 12.78 10.92 20.21
N VAL A 68 13.62 11.82 19.73
CA VAL A 68 15.05 11.91 20.16
C VAL A 68 15.13 13.13 21.07
N LYS A 69 15.71 12.94 22.24
CA LYS A 69 15.69 13.94 23.32
C LYS A 69 17.15 14.21 23.72
N LEU A 70 17.49 15.48 23.82
CA LEU A 70 18.81 15.94 24.36
C LEU A 70 18.56 16.52 25.74
N ASN A 71 19.21 15.97 26.77
CA ASN A 71 19.11 16.51 28.14
C ASN A 71 19.86 17.85 28.20
N LEU A 72 19.31 18.80 28.92
CA LEU A 72 19.86 20.17 29.02
C LEU A 72 20.10 20.45 30.49
N PRO A 73 21.09 21.33 30.80
CA PRO A 73 21.37 21.68 32.19
C PRO A 73 20.49 22.80 32.72
N SER A 74 20.20 22.76 34.01
CA SER A 74 19.25 23.69 34.66
C SER A 74 19.81 25.12 34.72
N ASP A 75 21.09 25.33 34.47
CA ASP A 75 21.64 26.71 34.48
C ASP A 75 21.31 27.39 33.17
N MET A 76 20.80 26.65 32.19
CA MET A 76 20.37 27.22 30.93
C MET A 76 18.94 27.71 31.19
N HIS A 77 18.62 28.94 30.84
CA HIS A 77 17.27 29.44 31.14
C HIS A 77 16.77 30.57 30.27
N ILE A 78 15.49 30.82 30.39
CA ILE A 78 14.89 31.90 29.71
C ILE A 78 14.75 33.05 30.69
N GLN A 79 15.10 34.24 30.25
CA GLN A 79 14.89 35.48 31.01
C GLN A 79 13.88 36.30 30.22
N GLY A 80 12.93 36.89 30.89
CA GLY A 80 11.92 37.65 30.20
C GLY A 80 10.50 37.35 30.64
N LEU A 81 10.28 36.19 31.21
CA LEU A 81 8.97 35.85 31.73
C LEU A 81 8.87 36.29 33.20
N GLN A 82 7.73 36.15 33.80
CA GLN A 82 7.55 36.56 35.18
C GLN A 82 8.47 35.78 36.08
N SER A 83 8.48 34.48 35.88
CA SER A 83 9.39 33.56 36.60
C SER A 83 10.57 33.21 35.70
N ARG A 84 11.69 32.82 36.30
CA ARG A 84 12.75 32.16 35.53
C ARG A 84 12.29 30.76 35.13
N TYR A 85 12.47 30.40 33.85
CA TYR A 85 12.22 29.02 33.40
C TYR A 85 13.52 28.37 32.95
N SER A 86 13.89 27.28 33.63
CA SER A 86 15.18 26.58 33.43
C SER A 86 14.97 25.41 32.47
N ALA A 87 15.96 25.19 31.60
CA ALA A 87 15.89 24.11 30.58
C ALA A 87 15.93 22.76 31.25
N THR A 88 15.20 21.82 30.71
CA THR A 88 15.31 20.38 31.08
C THR A 88 15.72 19.52 29.88
N GLN A 89 15.19 19.77 28.66
CA GLN A 89 15.48 18.91 27.48
C GLN A 89 14.92 19.59 26.23
N LEU A 90 15.45 19.16 25.08
CA LEU A 90 14.83 19.46 23.79
C LEU A 90 14.58 18.17 23.05
N HIS A 91 13.64 18.23 22.12
CA HIS A 91 13.28 17.07 21.29
C HIS A 91 12.57 17.56 20.04
N LEU A 92 12.30 16.65 19.10
CA LEU A 92 11.74 17.03 17.79
C LEU A 92 10.49 16.21 17.47
N HIS A 93 9.72 16.70 16.51
CA HIS A 93 8.54 16.03 15.94
C HIS A 93 8.67 16.11 14.42
N TRP A 94 8.26 15.04 13.73
CA TRP A 94 8.43 15.03 12.27
C TRP A 94 7.41 14.09 11.61
N GLY A 95 7.39 14.11 10.29
CA GLY A 95 6.47 13.29 9.49
C GLY A 95 7.16 12.06 8.92
N ASN A 96 7.13 11.91 7.60
CA ASN A 96 7.73 10.71 6.97
C ASN A 96 8.08 11.07 5.53
N PRO A 97 8.96 10.30 4.87
CA PRO A 97 9.43 10.69 3.54
C PRO A 97 8.31 10.81 2.50
N ASN A 98 7.21 10.07 2.65
CA ASN A 98 6.06 10.18 1.70
C ASN A 98 5.21 11.43 1.96
N ASP A 99 5.30 11.98 3.16
CA ASP A 99 4.49 13.15 3.57
C ASP A 99 5.30 13.96 4.59
N PRO A 100 6.32 14.71 4.12
CA PRO A 100 7.33 15.32 4.99
C PRO A 100 6.85 16.62 5.64
N HIS A 101 5.76 16.51 6.38
CA HIS A 101 5.04 17.67 6.95
C HIS A 101 4.56 17.31 8.36
N GLY A 102 5.48 17.23 9.30
CA GLY A 102 5.20 16.66 10.64
C GLY A 102 5.41 17.66 11.77
N SER A 103 5.29 18.98 11.53
CA SER A 103 5.21 19.96 12.64
C SER A 103 3.97 19.67 13.47
N GLU A 104 3.96 20.12 14.71
CA GLU A 104 2.77 19.98 15.58
C GLU A 104 1.87 21.18 15.36
N HIS A 105 2.39 22.37 15.63
CA HIS A 105 1.66 23.60 15.26
C HIS A 105 1.58 23.72 13.75
N THR A 106 0.47 24.27 13.28
CA THR A 106 0.28 24.68 11.88
C THR A 106 0.09 26.19 11.84
N VAL A 107 0.37 26.77 10.67
CA VAL A 107 0.16 28.23 10.43
C VAL A 107 -0.79 28.36 9.22
N SER A 108 -1.98 28.92 9.47
CA SER A 108 -3.04 29.05 8.44
C SER A 108 -3.25 27.70 7.78
N GLY A 109 -3.31 26.63 8.59
CA GLY A 109 -3.62 25.25 8.16
C GLY A 109 -2.43 24.47 7.60
N GLN A 110 -1.26 25.09 7.46
CA GLN A 110 -0.06 24.47 6.87
C GLN A 110 0.87 23.88 7.93
N HIS A 111 1.23 22.62 7.75
CA HIS A 111 2.31 21.95 8.52
C HIS A 111 3.63 22.44 7.96
N PHE A 112 4.58 22.58 8.84
CA PHE A 112 6.01 22.69 8.53
C PHE A 112 6.54 21.26 8.49
N ALA A 113 7.75 21.10 7.95
CA ALA A 113 8.43 19.79 7.85
C ALA A 113 8.55 19.14 9.23
N ALA A 114 8.94 19.92 10.22
CA ALA A 114 9.24 19.37 11.55
C ALA A 114 9.11 20.50 12.56
N GLU A 115 9.34 20.16 13.81
CA GLU A 115 9.24 21.15 14.88
C GLU A 115 10.17 20.72 16.02
N LEU A 116 10.94 21.67 16.54
CA LEU A 116 11.83 21.52 17.72
C LEU A 116 11.14 22.15 18.92
N HIS A 117 11.16 21.43 20.04
CA HIS A 117 10.67 21.93 21.35
C HIS A 117 11.83 21.99 22.33
N ILE A 118 12.07 23.16 22.91
CA ILE A 118 13.03 23.31 24.04
C ILE A 118 12.18 23.51 25.28
N VAL A 119 12.15 22.48 26.11
CA VAL A 119 11.29 22.39 27.31
C VAL A 119 12.02 23.02 28.49
N HIS A 120 11.31 23.87 29.21
CA HIS A 120 11.80 24.58 30.42
C HIS A 120 10.75 24.40 31.53
N TYR A 121 11.16 24.52 32.78
CA TYR A 121 10.26 24.42 33.95
C TYR A 121 10.49 25.64 34.83
N ASN A 122 9.47 25.99 35.60
CA ASN A 122 9.49 27.16 36.49
C ASN A 122 10.36 26.80 37.69
N SER A 123 11.63 27.18 37.64
CA SER A 123 12.62 26.79 38.68
C SER A 123 12.51 27.74 39.89
N ASP A 124 11.86 28.90 39.74
CA ASP A 124 11.56 29.82 40.87
C ASP A 124 10.58 29.12 41.79
N LEU A 125 9.64 28.34 41.25
CA LEU A 125 8.52 27.80 42.06
C LEU A 125 8.78 26.32 42.39
N TYR A 126 9.49 25.58 41.54
CA TYR A 126 9.51 24.09 41.56
C TYR A 126 10.95 23.57 41.48
N PRO A 127 11.23 22.43 42.14
CA PRO A 127 12.59 21.88 42.22
C PRO A 127 13.10 21.24 40.94
N ASP A 128 12.18 20.77 40.10
CA ASP A 128 12.52 20.00 38.89
C ASP A 128 11.32 19.99 37.93
N ALA A 129 11.55 19.58 36.69
CA ALA A 129 10.53 19.62 35.62
C ALA A 129 9.41 18.63 35.93
N SER A 130 9.72 17.47 36.51
CA SER A 130 8.69 16.45 36.86
C SER A 130 7.66 17.08 37.82
N THR A 131 8.13 17.66 38.93
CA THR A 131 7.27 18.33 39.93
C THR A 131 6.51 19.47 39.26
N ALA A 132 7.18 20.28 38.41
CA ALA A 132 6.52 21.43 37.77
C ALA A 132 5.39 21.00 36.82
N SER A 133 5.49 19.82 36.22
CA SER A 133 4.75 19.43 34.98
C SER A 133 3.24 19.43 35.22
N ASN A 134 2.78 19.25 36.46
CA ASN A 134 1.32 19.12 36.71
C ASN A 134 0.89 20.27 37.61
N LYS A 135 1.66 21.36 37.63
CA LYS A 135 1.43 22.49 38.56
C LYS A 135 1.29 23.78 37.76
N SER A 136 0.64 24.73 38.41
CA SER A 136 0.34 26.09 37.88
C SER A 136 1.64 26.74 37.40
N GLU A 137 1.63 27.30 36.19
CA GLU A 137 2.79 28.02 35.61
C GLU A 137 3.99 27.08 35.48
N GLY A 138 3.78 25.78 35.33
CA GLY A 138 4.87 24.83 35.55
C GLY A 138 5.93 24.87 34.45
N LEU A 139 5.48 24.93 33.19
CA LEU A 139 6.38 24.66 32.04
C LEU A 139 6.31 25.81 31.04
N ALA A 140 7.41 25.99 30.31
CA ALA A 140 7.46 26.90 29.16
C ALA A 140 8.22 26.17 28.06
N VAL A 141 7.66 26.19 26.87
CA VAL A 141 8.30 25.53 25.71
C VAL A 141 8.57 26.61 24.67
N LEU A 142 9.77 26.55 24.09
CA LEU A 142 10.11 27.31 22.88
C LEU A 142 9.93 26.36 21.70
N ALA A 143 9.12 26.74 20.72
CA ALA A 143 8.87 25.91 19.52
C ALA A 143 9.49 26.58 18.31
N VAL A 144 10.29 25.81 17.57
CA VAL A 144 10.90 26.29 16.30
C VAL A 144 10.29 25.48 15.17
N LEU A 145 9.69 26.15 14.20
CA LEU A 145 9.16 25.49 12.99
C LEU A 145 10.35 25.22 12.06
N ILE A 146 10.39 24.04 11.44
CA ILE A 146 11.53 23.64 10.56
C ILE A 146 11.00 23.44 9.15
N GLU A 147 11.62 24.06 8.14
CA GLU A 147 11.26 23.80 6.72
C GLU A 147 12.50 23.32 5.97
N MET A 148 12.29 22.70 4.82
CA MET A 148 13.41 22.25 3.95
CA MET A 148 13.36 22.25 3.90
C MET A 148 14.05 23.48 3.28
N GLY A 149 15.37 23.50 3.20
CA GLY A 149 16.12 24.59 2.55
C GLY A 149 17.60 24.31 2.60
N SER A 150 18.38 25.30 3.01
CA SER A 150 19.86 25.20 3.08
C SER A 150 20.28 24.26 4.21
N PHE A 151 21.38 23.52 3.99
CA PHE A 151 22.00 22.70 5.04
C PHE A 151 22.22 23.57 6.28
N ASN A 152 21.98 22.99 7.46
CA ASN A 152 22.07 23.70 8.76
C ASN A 152 23.13 23.04 9.63
N PRO A 153 24.36 23.60 9.71
CA PRO A 153 25.42 22.98 10.50
C PRO A 153 25.08 22.88 12.00
N SER A 154 24.29 23.81 12.52
CA SER A 154 23.91 23.77 13.96
C SER A 154 23.00 22.57 14.24
N TYR A 155 21.99 22.30 13.40
CA TYR A 155 21.12 21.11 13.60
C TYR A 155 21.95 19.84 13.41
N ASP A 156 22.98 19.89 12.57
CA ASP A 156 23.83 18.69 12.38
C ASP A 156 24.58 18.34 13.66
N LYS A 157 24.78 19.27 14.59
CA LYS A 157 25.46 18.98 15.87
C LYS A 157 24.59 17.96 16.63
N ILE A 158 23.29 17.91 16.38
CA ILE A 158 22.43 16.82 16.93
C ILE A 158 22.35 15.67 15.93
N PHE A 159 22.02 15.94 14.68
CA PHE A 159 21.67 14.91 13.67
C PHE A 159 22.86 13.98 13.44
N SER A 160 24.10 14.48 13.58
CA SER A 160 25.32 13.67 13.34
C SER A 160 25.41 12.50 14.32
N HIS A 161 24.65 12.53 15.42
CA HIS A 161 24.68 11.47 16.46
C HIS A 161 23.48 10.51 16.34
N LEU A 162 22.56 10.71 15.39
CA LEU A 162 21.33 9.85 15.35
C LEU A 162 21.68 8.37 15.17
N GLN A 163 22.79 8.06 14.48
CA GLN A 163 23.27 6.67 14.20
C GLN A 163 23.41 5.88 15.51
N HIS A 164 23.76 6.55 16.60
CA HIS A 164 24.07 5.91 17.91
C HIS A 164 22.81 5.77 18.80
N VAL A 165 21.67 6.37 18.42
CA VAL A 165 20.40 6.24 19.20
C VAL A 165 19.30 5.71 18.28
N LYS A 166 19.61 4.79 17.36
CA LYS A 166 18.62 4.22 16.41
C LYS A 166 17.43 3.56 17.13
N TYR A 167 17.67 2.86 18.24
CA TYR A 167 16.63 2.04 18.91
C TYR A 167 16.25 2.62 20.26
N LYS A 168 15.01 2.33 20.66
CA LYS A 168 14.48 2.74 21.98
C LYS A 168 15.46 2.31 23.08
N GLY A 169 15.77 3.24 23.99
CA GLY A 169 16.61 2.95 25.17
C GLY A 169 18.07 3.26 24.89
N GLN A 170 18.43 3.45 23.63
CA GLN A 170 19.85 3.75 23.29
C GLN A 170 20.16 5.20 23.62
N GLU A 171 21.42 5.47 24.00
CA GLU A 171 21.88 6.77 24.52
C GLU A 171 23.24 7.10 23.92
N ALA A 172 23.52 8.37 23.72
CA ALA A 172 24.82 8.87 23.23
C ALA A 172 25.08 10.19 23.91
N PHE A 173 26.31 10.69 23.79
CA PHE A 173 26.74 11.94 24.43
C PHE A 173 27.05 12.98 23.35
N VAL A 174 26.54 14.19 23.54
CA VAL A 174 26.73 15.32 22.60
C VAL A 174 27.55 16.39 23.31
N PRO A 175 28.70 16.79 22.76
CA PRO A 175 29.47 17.87 23.34
C PRO A 175 28.61 19.14 23.35
N GLY A 176 28.72 19.92 24.42
CA GLY A 176 28.04 21.22 24.51
C GLY A 176 28.25 22.05 23.25
N PHE A 177 27.18 22.65 22.74
CA PHE A 177 27.23 23.65 21.64
C PHE A 177 26.23 24.77 21.98
N ASN A 178 26.23 25.83 21.18
CA ASN A 178 25.36 27.00 21.44
C ASN A 178 23.93 26.66 20.97
N ILE A 179 23.07 26.31 21.91
CA ILE A 179 21.66 25.95 21.58
C ILE A 179 20.97 27.11 20.87
N GLU A 180 21.35 28.36 21.13
CA GLU A 180 20.73 29.54 20.47
C GLU A 180 20.88 29.40 18.95
N GLU A 181 21.86 28.64 18.46
CA GLU A 181 22.10 28.40 17.01
C GLU A 181 20.90 27.66 16.37
N LEU A 182 20.07 27.01 17.19
CA LEU A 182 18.89 26.24 16.72
C LEU A 182 17.67 27.16 16.56
N LEU A 183 17.75 28.38 17.06
CA LEU A 183 16.64 29.34 17.02
C LEU A 183 16.66 30.07 15.69
N PRO A 184 15.49 30.49 15.20
CA PRO A 184 15.39 31.20 13.93
C PRO A 184 15.79 32.66 14.06
N GLU A 185 15.82 33.33 12.92
CA GLU A 185 15.97 34.80 12.82
C GLU A 185 14.81 35.50 13.53
N ARG A 186 15.11 36.64 14.14
CA ARG A 186 14.11 37.56 14.69
C ARG A 186 13.28 36.81 15.75
N THR A 187 13.95 36.29 16.76
CA THR A 187 13.26 35.60 17.89
C THR A 187 12.35 36.57 18.65
N ALA A 188 12.47 37.88 18.47
CA ALA A 188 11.50 38.85 19.08
C ALA A 188 10.08 38.66 18.52
N GLU A 189 9.94 38.03 17.35
CA GLU A 189 8.67 37.76 16.64
C GLU A 189 8.19 36.37 17.03
N TYR A 190 7.11 36.29 17.80
CA TYR A 190 6.57 34.97 18.23
C TYR A 190 5.08 35.03 18.50
N TYR A 191 4.50 33.84 18.50
CA TYR A 191 3.12 33.54 18.98
C TYR A 191 3.19 33.08 20.43
N ARG A 192 2.23 33.49 21.25
CA ARG A 192 2.20 33.12 22.69
C ARG A 192 0.79 32.68 23.06
N TYR A 193 0.67 31.54 23.72
CA TYR A 193 -0.61 31.10 24.28
C TYR A 193 -0.37 30.08 25.38
N ARG A 194 -1.38 29.94 26.21
CA ARG A 194 -1.40 28.93 27.29
C ARG A 194 -1.96 27.62 26.75
N GLY A 195 -1.20 26.55 26.90
CA GLY A 195 -1.65 25.23 26.43
C GLY A 195 -1.12 24.11 27.29
N SER A 196 -0.81 23.02 26.62
CA SER A 196 -0.55 21.73 27.29
C SER A 196 0.71 21.09 26.72
N LEU A 197 1.15 20.05 27.39
CA LEU A 197 2.08 19.09 26.75
C LEU A 197 1.37 18.54 25.51
N THR A 198 2.07 18.36 24.40
CA THR A 198 1.47 17.72 23.20
C THR A 198 1.61 16.20 23.26
N THR A 199 2.26 15.67 24.29
CA THR A 199 2.38 14.23 24.56
C THR A 199 1.70 13.94 25.89
N PRO A 200 1.32 12.68 26.14
CA PRO A 200 0.95 12.30 27.50
C PRO A 200 2.01 12.81 28.45
N PRO A 201 1.64 13.22 29.69
CA PRO A 201 0.27 13.19 30.18
C PRO A 201 -0.66 14.36 29.80
N CYS A 202 -0.25 15.20 28.86
CA CYS A 202 -1.06 16.31 28.28
C CYS A 202 -1.45 17.35 29.33
N ASN A 203 -0.66 17.51 30.39
CA ASN A 203 -0.99 18.52 31.44
C ASN A 203 -1.13 19.91 30.83
N PRO A 204 -2.18 20.66 31.19
CA PRO A 204 -2.45 22.00 30.65
C PRO A 204 -1.63 23.08 31.37
N THR A 205 -0.31 22.89 31.37
CA THR A 205 0.62 23.62 32.25
C THR A 205 1.73 24.28 31.46
N VAL A 206 1.54 24.43 30.13
CA VAL A 206 2.62 24.94 29.25
C VAL A 206 2.32 26.34 28.74
N LEU A 207 3.29 27.22 28.95
CA LEU A 207 3.28 28.53 28.30
C LEU A 207 4.04 28.36 26.98
N TRP A 208 3.32 28.42 25.87
CA TRP A 208 3.89 28.21 24.51
C TRP A 208 4.43 29.51 23.97
N THR A 209 5.63 29.43 23.42
CA THR A 209 6.22 30.46 22.57
C THR A 209 6.59 29.78 21.26
N VAL A 210 5.87 30.10 20.19
CA VAL A 210 6.18 29.53 18.85
C VAL A 210 6.78 30.68 18.04
N PHE A 211 8.04 30.54 17.66
CA PHE A 211 8.70 31.61 16.89
C PHE A 211 7.99 31.76 15.54
N ARG A 212 7.88 33.01 15.08
CA ARG A 212 7.16 33.30 13.84
C ARG A 212 7.90 32.69 12.65
N ASN A 213 9.22 32.78 12.67
CA ASN A 213 10.08 32.46 11.51
C ASN A 213 10.59 31.04 11.64
N PRO A 214 10.50 30.23 10.57
CA PRO A 214 11.08 28.89 10.61
C PRO A 214 12.59 28.95 10.38
N VAL A 215 13.24 27.86 10.76
CA VAL A 215 14.65 27.54 10.35
C VAL A 215 14.59 26.61 9.15
N GLN A 216 15.73 26.45 8.47
CA GLN A 216 15.87 25.53 7.32
C GLN A 216 16.87 24.46 7.69
N ILE A 217 16.54 23.23 7.30
CA ILE A 217 17.50 22.09 7.25
C ILE A 217 17.45 21.56 5.82
N SER A 218 18.51 20.89 5.36
CA SER A 218 18.56 20.37 3.99
C SER A 218 17.57 19.21 3.80
N GLN A 219 17.24 18.91 2.55
CA GLN A 219 16.45 17.68 2.22
C GLN A 219 17.14 16.45 2.83
N GLU A 220 18.47 16.35 2.78
CA GLU A 220 19.20 15.17 3.31
C GLU A 220 19.08 15.15 4.84
N GLN A 221 19.18 16.32 5.50
CA GLN A 221 19.01 16.39 6.99
C GLN A 221 17.60 15.93 7.37
N LEU A 222 16.60 16.41 6.66
CA LEU A 222 15.19 16.07 7.01
C LEU A 222 14.99 14.57 6.78
N LEU A 223 15.53 14.04 5.69
CA LEU A 223 15.39 12.59 5.42
C LEU A 223 16.10 11.79 6.51
N ALA A 224 17.28 12.23 6.95
CA ALA A 224 18.04 11.51 8.01
C ALA A 224 17.15 11.43 9.26
N LEU A 225 16.56 12.56 9.67
CA LEU A 225 15.74 12.58 10.90
C LEU A 225 14.54 11.63 10.75
N GLU A 226 13.90 11.64 9.58
CA GLU A 226 12.68 10.83 9.32
C GLU A 226 12.98 9.31 9.25
N THR A 227 14.22 8.94 8.93
CA THR A 227 14.59 7.53 8.58
C THR A 227 15.57 6.92 9.58
N ALA A 228 16.15 7.71 10.49
CA ALA A 228 17.27 7.27 11.34
C ALA A 228 16.78 6.41 12.50
N LEU A 229 15.54 6.59 12.97
CA LEU A 229 15.17 6.07 14.31
C LEU A 229 14.03 5.08 14.24
N TYR A 230 14.03 4.18 15.22
CA TYR A 230 12.94 3.23 15.51
C TYR A 230 12.33 3.55 16.87
N CYS A 231 11.04 3.29 17.02
CA CYS A 231 10.26 3.41 18.28
CA CYS A 231 10.36 3.48 18.33
C CYS A 231 10.48 2.21 19.17
N THR A 232 11.03 1.13 18.59
CA THR A 232 11.12 -0.20 19.24
C THR A 232 12.56 -0.46 19.73
N HIS A 233 12.68 -1.35 20.70
CA HIS A 233 13.97 -1.84 21.24
C HIS A 233 14.68 -2.63 20.13
N MET A 234 16.01 -2.63 20.19
CA MET A 234 16.88 -3.25 19.16
C MET A 234 16.45 -4.69 18.88
N ASP A 235 16.05 -5.44 19.91
CA ASP A 235 15.77 -6.90 19.78
C ASP A 235 14.26 -7.14 19.67
N ASP A 236 13.46 -6.12 19.37
CA ASP A 236 12.00 -6.27 19.11
C ASP A 236 11.86 -7.01 17.78
N PRO A 237 11.10 -8.13 17.73
CA PRO A 237 10.91 -8.89 16.49
C PRO A 237 10.02 -8.20 15.43
N SER A 238 9.25 -7.18 15.84
CA SER A 238 8.39 -6.35 14.94
C SER A 238 8.82 -4.89 15.05
N PRO A 239 9.95 -4.49 14.42
CA PRO A 239 10.41 -3.10 14.50
C PRO A 239 9.41 -2.11 13.89
N ARG A 240 9.28 -0.95 14.54
CA ARG A 240 8.42 0.18 14.12
C ARG A 240 9.34 1.39 13.88
N GLU A 241 9.32 1.94 12.67
CA GLU A 241 10.05 3.19 12.35
C GLU A 241 9.48 4.33 13.20
N MET A 242 10.33 5.23 13.71
CA MET A 242 9.84 6.45 14.39
C MET A 242 9.57 7.52 13.33
N ILE A 243 8.30 7.60 12.94
CA ILE A 243 7.78 8.58 11.93
C ILE A 243 6.46 9.14 12.45
N ASN A 244 6.05 10.30 11.97
CA ASN A 244 4.69 10.84 12.21
C ASN A 244 4.47 11.00 13.72
N ASN A 245 5.50 11.40 14.46
CA ASN A 245 5.44 11.53 15.94
C ASN A 245 4.98 12.95 16.30
N PHE A 246 3.88 13.38 15.73
CA PHE A 246 3.27 14.69 16.03
C PHE A 246 1.81 14.43 16.38
N ARG A 247 1.25 15.26 17.25
CA ARG A 247 -0.19 15.22 17.59
C ARG A 247 -0.96 16.04 16.56
N GLN A 248 -2.14 15.58 16.17
CA GLN A 248 -3.09 16.43 15.41
C GLN A 248 -3.45 17.70 16.16
N VAL A 249 -3.71 18.77 15.41
CA VAL A 249 -4.16 20.04 16.02
C VAL A 249 -5.47 19.83 16.79
N GLN A 250 -5.59 20.55 17.90
CA GLN A 250 -6.75 20.48 18.81
C GLN A 250 -7.71 21.63 18.51
N LYS A 251 -8.99 21.47 18.82
CA LYS A 251 -9.93 22.62 18.77
C LYS A 251 -9.44 23.71 19.72
N PHE A 252 -9.64 24.94 19.33
CA PHE A 252 -9.22 26.14 20.08
C PHE A 252 -10.29 27.20 19.83
N ASP A 253 -11.35 27.22 20.63
CA ASP A 253 -12.52 28.09 20.36
C ASP A 253 -12.67 29.12 21.48
N GLU A 254 -13.10 30.32 21.10
CA GLU A 254 -13.32 31.48 22.00
C GLU A 254 -12.01 31.85 22.70
N ARG A 255 -10.88 31.66 22.01
CA ARG A 255 -9.54 31.93 22.60
C ARG A 255 -8.66 32.64 21.58
N LEU A 256 -7.66 33.36 22.09
CA LEU A 256 -6.73 34.14 21.26
C LEU A 256 -5.34 33.53 21.40
N VAL A 257 -4.57 33.62 20.33
CA VAL A 257 -3.10 33.55 20.37
C VAL A 257 -2.58 34.97 20.28
N TYR A 258 -1.70 35.36 21.17
CA TYR A 258 -1.14 36.72 21.21
C TYR A 258 0.13 36.69 20.38
N THR A 259 0.38 37.77 19.64
CA THR A 259 1.61 37.88 18.82
C THR A 259 2.42 39.08 19.30
N SER A 260 3.74 38.95 19.24
CA SER A 260 4.70 40.04 19.56
C SER A 260 4.90 40.95 18.33
N PHE A 261 4.27 40.61 17.23
CA PHE A 261 4.40 41.34 15.93
C PHE A 261 3.01 41.77 15.48
N SER A 262 2.92 42.93 14.83
CA SER A 262 1.66 43.47 14.26
C SER A 262 1.33 42.73 12.96
N LYS B 3 -23.10 8.43 25.81
CA LYS B 3 -23.18 9.90 25.63
C LYS B 3 -21.86 10.40 25.05
N TRP B 4 -21.96 11.34 24.12
CA TRP B 4 -20.76 11.92 23.48
C TRP B 4 -21.13 13.31 22.98
N THR B 5 -20.13 14.18 22.88
CA THR B 5 -20.30 15.56 22.41
C THR B 5 -19.11 15.95 21.51
N TYR B 6 -19.06 17.19 21.10
CA TYR B 6 -17.90 17.75 20.40
C TYR B 6 -17.15 18.75 21.28
N PHE B 7 -17.49 18.86 22.54
CA PHE B 7 -16.91 19.92 23.39
C PHE B 7 -16.82 19.46 24.84
N GLY B 8 -15.65 19.63 25.44
CA GLY B 8 -15.39 19.33 26.86
C GLY B 8 -15.15 17.84 27.11
N PRO B 9 -15.49 17.35 28.32
CA PRO B 9 -15.03 16.05 28.80
C PRO B 9 -15.47 14.85 27.97
N ASP B 10 -16.62 14.93 27.29
CA ASP B 10 -17.17 13.82 26.47
C ASP B 10 -16.93 14.11 24.99
N GLY B 11 -16.01 15.03 24.70
CA GLY B 11 -15.61 15.39 23.32
C GLY B 11 -14.71 14.36 22.66
N GLU B 12 -14.24 14.67 21.46
CA GLU B 12 -13.73 13.66 20.53
C GLU B 12 -12.49 12.95 21.08
N ASN B 13 -11.66 13.59 21.91
CA ASN B 13 -10.43 12.93 22.43
C ASN B 13 -10.86 11.85 23.43
N SER B 14 -12.12 11.89 23.86
CA SER B 14 -12.65 10.93 24.87
C SER B 14 -13.57 9.88 24.24
N TRP B 15 -13.93 9.96 22.96
CA TRP B 15 -14.92 9.02 22.35
C TRP B 15 -14.42 7.58 22.53
N SER B 16 -13.11 7.35 22.35
CA SER B 16 -12.50 5.99 22.36
C SER B 16 -12.72 5.30 23.73
N LYS B 17 -12.97 6.07 24.76
CA LYS B 17 -13.25 5.49 26.12
C LYS B 17 -14.51 4.66 26.05
N LYS B 18 -15.49 5.02 25.22
CA LYS B 18 -16.82 4.32 25.19
C LYS B 18 -17.03 3.60 23.86
N TYR B 19 -16.29 3.98 22.82
CA TYR B 19 -16.50 3.56 21.42
C TYR B 19 -15.13 3.20 20.88
N PRO B 20 -14.68 1.94 21.09
CA PRO B 20 -13.31 1.58 20.79
C PRO B 20 -12.87 1.84 19.34
N SER B 21 -13.76 1.76 18.36
CA SER B 21 -13.37 2.00 16.95
C SER B 21 -12.91 3.45 16.74
N CYS B 22 -13.29 4.37 17.62
CA CYS B 22 -12.91 5.79 17.50
C CYS B 22 -11.40 5.96 17.76
N GLY B 23 -10.76 4.94 18.36
CA GLY B 23 -9.31 4.89 18.61
C GLY B 23 -8.63 3.89 17.71
N GLY B 24 -9.35 3.34 16.73
CA GLY B 24 -8.86 2.28 15.85
C GLY B 24 -8.36 2.86 14.54
N LEU B 25 -8.21 2.00 13.57
CA LEU B 25 -7.56 2.43 12.31
C LEU B 25 -8.60 3.04 11.38
N LEU B 26 -8.10 3.71 10.33
CA LEU B 26 -8.87 4.10 9.13
C LEU B 26 -9.96 5.11 9.51
N GLN B 27 -9.62 6.05 10.38
CA GLN B 27 -10.60 7.03 10.85
C GLN B 27 -10.73 8.18 9.86
N SER B 28 -11.93 8.72 9.86
CA SER B 28 -12.29 9.95 9.12
C SER B 28 -12.68 11.07 10.08
N PRO B 29 -12.69 12.35 9.69
CA PRO B 29 -12.25 12.81 8.38
C PRO B 29 -10.74 12.96 8.25
N ILE B 30 -10.28 13.40 7.07
CA ILE B 30 -8.84 13.61 6.79
C ILE B 30 -8.65 14.93 6.03
N ASP B 31 -7.41 15.40 6.05
CA ASP B 31 -6.96 16.54 5.23
C ASP B 31 -6.58 16.04 3.84
N LEU B 32 -7.21 16.59 2.83
CA LEU B 32 -6.90 16.23 1.43
C LEU B 32 -5.77 17.13 0.96
N HIS B 33 -4.57 16.59 0.77
CA HIS B 33 -3.38 17.39 0.40
C HIS B 33 -2.54 16.57 -0.58
N SER B 34 -1.74 17.25 -1.38
CA SER B 34 -1.11 16.65 -2.59
C SER B 34 -0.33 15.38 -2.26
N ASP B 35 0.40 15.33 -1.13
CA ASP B 35 1.35 14.22 -0.84
C ASP B 35 0.63 12.87 -0.74
N ILE B 36 -0.67 12.86 -0.48
CA ILE B 36 -1.38 11.57 -0.24
C ILE B 36 -2.43 11.33 -1.34
N LEU B 37 -2.47 12.17 -2.38
CA LEU B 37 -3.41 12.01 -3.54
C LEU B 37 -2.77 11.11 -4.60
N GLN B 38 -3.57 10.31 -5.27
CA GLN B 38 -3.11 9.44 -6.39
C GLN B 38 -4.24 9.34 -7.41
N TYR B 39 -4.01 9.83 -8.62
CA TYR B 39 -5.01 9.75 -9.71
C TYR B 39 -5.28 8.27 -10.04
N ASP B 40 -6.55 7.95 -10.18
CA ASP B 40 -7.01 6.57 -10.45
C ASP B 40 -8.02 6.65 -11.59
N ALA B 41 -7.59 6.27 -12.80
CA ALA B 41 -8.39 6.39 -14.03
C ALA B 41 -9.60 5.46 -13.98
N SER B 42 -9.65 4.50 -13.07
CA SER B 42 -10.78 3.56 -12.94
C SER B 42 -11.96 4.23 -12.21
N LEU B 43 -11.78 5.38 -11.59
CA LEU B 43 -12.86 6.06 -10.83
C LEU B 43 -13.74 6.80 -11.83
N THR B 44 -14.73 6.08 -12.33
CA THR B 44 -15.71 6.55 -13.32
C THR B 44 -16.84 7.32 -12.63
N PRO B 45 -17.64 8.10 -13.39
CA PRO B 45 -18.67 8.95 -12.80
C PRO B 45 -19.74 8.11 -12.09
N LEU B 46 -20.17 8.57 -10.93
CA LEU B 46 -21.33 7.99 -10.22
C LEU B 46 -22.61 8.48 -10.89
N GLU B 47 -23.65 7.67 -10.86
CA GLU B 47 -25.00 8.10 -11.29
C GLU B 47 -25.93 8.12 -10.08
N PHE B 48 -26.71 9.19 -9.97
CA PHE B 48 -27.60 9.46 -8.81
C PHE B 48 -29.03 9.16 -9.26
N GLN B 49 -29.57 8.04 -8.78
CA GLN B 49 -30.88 7.49 -9.22
C GLN B 49 -31.90 7.71 -8.12
N GLY B 50 -33.08 8.23 -8.49
CA GLY B 50 -34.18 8.42 -7.54
C GLY B 50 -33.85 9.51 -6.55
N TYR B 51 -32.91 10.42 -6.92
CA TYR B 51 -32.57 11.60 -6.08
C TYR B 51 -33.64 12.69 -6.22
N ASN B 52 -34.42 12.66 -7.31
CA ASN B 52 -35.46 13.68 -7.55
C ASN B 52 -36.72 13.28 -6.77
N LEU B 53 -36.77 13.61 -5.50
CA LEU B 53 -37.87 13.14 -4.62
C LEU B 53 -39.11 13.98 -4.95
N SER B 54 -40.25 13.35 -4.97
CA SER B 54 -41.51 14.04 -5.29
C SER B 54 -41.78 15.16 -4.28
N ALA B 55 -42.07 16.36 -4.78
CA ALA B 55 -42.50 17.53 -3.97
C ALA B 55 -43.84 17.27 -3.27
N ASN B 56 -44.61 16.26 -3.69
CA ASN B 56 -45.91 15.95 -3.08
C ASN B 56 -45.73 14.91 -1.97
N LYS B 57 -44.54 14.33 -1.86
CA LYS B 57 -44.22 13.43 -0.73
C LYS B 57 -43.46 14.22 0.33
N GLN B 58 -43.39 13.66 1.54
CA GLN B 58 -42.64 14.34 2.61
C GLN B 58 -41.73 13.37 3.34
N PHE B 59 -40.61 13.94 3.80
CA PHE B 59 -39.48 13.18 4.39
C PHE B 59 -39.18 13.74 5.78
N LEU B 60 -38.90 12.84 6.70
CA LEU B 60 -38.76 13.16 8.13
C LEU B 60 -37.40 13.81 8.39
N LEU B 61 -37.44 15.03 8.90
CA LEU B 61 -36.27 15.76 9.44
C LEU B 61 -36.21 15.59 10.95
N THR B 62 -35.07 15.21 11.50
CA THR B 62 -34.95 14.94 12.95
C THR B 62 -33.72 15.67 13.48
N ASN B 63 -33.83 16.29 14.64
CA ASN B 63 -32.68 16.69 15.48
C ASN B 63 -32.32 15.50 16.35
N ASN B 64 -31.17 14.87 16.14
CA ASN B 64 -30.80 13.65 16.91
C ASN B 64 -29.85 14.00 18.06
N GLY B 65 -29.69 15.28 18.36
CA GLY B 65 -28.79 15.75 19.42
C GLY B 65 -27.37 15.90 18.96
N HIS B 66 -27.04 15.47 17.72
CA HIS B 66 -25.66 15.65 17.17
C HIS B 66 -25.63 16.41 15.84
N SER B 67 -26.69 16.29 15.07
CA SER B 67 -26.85 17.01 13.78
C SER B 67 -28.35 17.17 13.51
N VAL B 68 -28.67 17.73 12.35
CA VAL B 68 -30.03 17.68 11.80
C VAL B 68 -29.96 16.68 10.63
N LYS B 69 -30.84 15.67 10.66
CA LYS B 69 -30.81 14.55 9.69
C LYS B 69 -32.13 14.51 8.94
N LEU B 70 -32.05 14.24 7.64
CA LEU B 70 -33.21 14.02 6.77
C LEU B 70 -33.20 12.55 6.38
N ASN B 71 -34.30 11.84 6.69
CA ASN B 71 -34.46 10.42 6.29
C ASN B 71 -34.69 10.33 4.78
N LEU B 72 -34.05 9.38 4.13
CA LEU B 72 -34.14 9.25 2.66
C LEU B 72 -34.72 7.88 2.33
N PRO B 73 -35.44 7.76 1.19
CA PRO B 73 -36.00 6.48 0.78
C PRO B 73 -34.95 5.54 0.15
N SER B 74 -35.08 4.23 0.39
CA SER B 74 -34.10 3.24 -0.12
C SER B 74 -34.21 3.10 -1.65
N ASP B 75 -35.24 3.65 -2.30
CA ASP B 75 -35.34 3.68 -3.79
C ASP B 75 -34.26 4.60 -4.34
N MET B 76 -33.79 5.53 -3.52
CA MET B 76 -32.77 6.48 -3.87
C MET B 76 -31.41 5.75 -3.76
N HIS B 77 -30.59 5.79 -4.83
CA HIS B 77 -29.34 5.06 -4.80
C HIS B 77 -28.30 5.59 -5.73
N ILE B 78 -27.11 5.09 -5.49
CA ILE B 78 -25.98 5.41 -6.32
C ILE B 78 -25.69 4.24 -7.23
N GLN B 79 -25.53 4.51 -8.51
CA GLN B 79 -25.20 3.53 -9.51
C GLN B 79 -23.73 3.84 -9.89
N GLY B 80 -22.89 2.84 -9.94
CA GLY B 80 -21.53 3.10 -10.30
C GLY B 80 -20.51 2.45 -9.44
N LEU B 81 -20.90 2.06 -8.22
CA LEU B 81 -20.02 1.35 -7.32
C LEU B 81 -20.09 -0.17 -7.60
N GLN B 82 -19.33 -0.97 -6.88
CA GLN B 82 -19.26 -2.42 -7.20
C GLN B 82 -20.47 -3.15 -6.62
N SER B 83 -21.18 -2.51 -5.70
CA SER B 83 -22.52 -2.95 -5.23
C SER B 83 -23.45 -1.75 -5.35
N ARG B 84 -24.76 -1.99 -5.35
CA ARG B 84 -25.74 -0.91 -5.24
C ARG B 84 -25.69 -0.40 -3.78
N TYR B 85 -25.62 0.92 -3.62
CA TYR B 85 -25.71 1.59 -2.30
C TYR B 85 -26.99 2.40 -2.31
N SER B 86 -27.88 2.10 -1.38
CA SER B 86 -29.17 2.82 -1.24
C SER B 86 -29.08 3.88 -0.15
N ALA B 87 -29.73 5.02 -0.38
CA ALA B 87 -29.75 6.16 0.57
C ALA B 87 -30.41 5.70 1.88
N THR B 88 -29.93 6.24 2.99
CA THR B 88 -30.62 6.11 4.30
C THR B 88 -30.90 7.49 4.92
N GLN B 89 -29.97 8.45 4.85
CA GLN B 89 -30.19 9.76 5.50
C GLN B 89 -29.11 10.72 5.01
N LEU B 90 -29.38 12.01 5.10
CA LEU B 90 -28.33 13.05 4.96
C LEU B 90 -28.33 13.93 6.20
N HIS B 91 -27.19 14.52 6.50
CA HIS B 91 -27.05 15.41 7.66
C HIS B 91 -25.87 16.35 7.39
N LEU B 92 -25.65 17.27 8.28
CA LEU B 92 -24.60 18.28 8.10
C LEU B 92 -23.69 18.40 9.32
N HIS B 93 -22.58 19.06 9.07
CA HIS B 93 -21.59 19.48 10.09
C HIS B 93 -21.26 20.94 9.88
N TRP B 94 -21.08 21.72 10.95
CA TRP B 94 -20.86 23.18 10.82
C TRP B 94 -20.10 23.72 12.02
N GLY B 95 -19.77 25.00 11.97
CA GLY B 95 -19.00 25.67 13.03
C GLY B 95 -19.91 26.50 13.90
N ASN B 96 -19.70 27.80 13.96
CA ASN B 96 -20.44 28.67 14.91
C ASN B 96 -20.46 30.07 14.33
N PRO B 97 -21.37 30.94 14.80
CA PRO B 97 -21.54 32.25 14.19
C PRO B 97 -20.25 33.06 14.11
N ASN B 98 -19.36 32.88 15.08
CA ASN B 98 -18.14 33.71 15.18
C ASN B 98 -17.00 33.01 14.43
N ASP B 99 -17.21 31.79 13.97
CA ASP B 99 -16.15 31.00 13.29
C ASP B 99 -16.83 29.99 12.37
N PRO B 100 -17.37 30.45 11.22
CA PRO B 100 -18.12 29.60 10.30
C PRO B 100 -17.16 28.77 9.43
N HIS B 101 -16.44 27.87 10.07
CA HIS B 101 -15.39 27.02 9.44
C HIS B 101 -15.46 25.60 10.03
N GLY B 102 -16.57 24.90 9.78
CA GLY B 102 -16.90 23.63 10.45
C GLY B 102 -17.04 22.45 9.49
N SER B 103 -16.43 22.47 8.30
CA SER B 103 -16.33 21.22 7.50
C SER B 103 -15.51 20.19 8.28
N GLU B 104 -15.73 18.92 8.01
CA GLU B 104 -14.98 17.81 8.62
C GLU B 104 -13.73 17.56 7.80
N HIS B 105 -13.88 17.26 6.51
CA HIS B 105 -12.70 17.22 5.63
C HIS B 105 -12.12 18.61 5.43
N THR B 106 -10.79 18.67 5.33
CA THR B 106 -10.10 19.92 4.95
C THR B 106 -9.36 19.66 3.64
N VAL B 107 -9.04 20.75 2.95
CA VAL B 107 -8.29 20.71 1.68
C VAL B 107 -7.07 21.59 1.88
N SER B 108 -5.90 20.98 1.78
CA SER B 108 -4.60 21.66 2.02
C SER B 108 -4.70 22.47 3.32
N GLY B 109 -5.26 21.85 4.38
CA GLY B 109 -5.34 22.38 5.74
C GLY B 109 -6.44 23.43 5.97
N GLN B 110 -7.26 23.72 4.98
CA GLN B 110 -8.31 24.77 5.12
C GLN B 110 -9.64 24.09 5.38
N HIS B 111 -10.38 24.56 6.38
CA HIS B 111 -11.81 24.19 6.55
C HIS B 111 -12.68 24.97 5.59
N PHE B 112 -13.70 24.32 5.07
CA PHE B 112 -14.85 24.96 4.42
C PHE B 112 -15.83 25.37 5.54
N ALA B 113 -16.87 26.09 5.19
CA ALA B 113 -17.83 26.60 6.17
C ALA B 113 -18.58 25.44 6.82
N ALA B 114 -18.93 24.44 6.04
CA ALA B 114 -19.81 23.33 6.49
C ALA B 114 -19.61 22.13 5.57
N GLU B 115 -20.28 21.02 5.86
CA GLU B 115 -20.16 19.80 5.05
C GLU B 115 -21.46 19.01 5.10
N LEU B 116 -21.92 18.58 3.93
CA LEU B 116 -23.13 17.72 3.82
C LEU B 116 -22.65 16.29 3.65
N HIS B 117 -23.25 15.34 4.36
CA HIS B 117 -23.03 13.89 4.17
C HIS B 117 -24.32 13.21 3.74
N ILE B 118 -24.30 12.50 2.61
CA ILE B 118 -25.45 11.69 2.14
C ILE B 118 -25.02 10.24 2.34
N VAL B 119 -25.60 9.59 3.37
CA VAL B 119 -25.20 8.26 3.86
C VAL B 119 -26.00 7.20 3.09
N HIS B 120 -25.31 6.22 2.53
CA HIS B 120 -25.87 5.09 1.77
C HIS B 120 -25.36 3.79 2.40
N TYR B 121 -26.11 2.71 2.24
CA TYR B 121 -25.68 1.38 2.73
C TYR B 121 -25.73 0.39 1.58
N ASN B 122 -24.90 -0.64 1.67
CA ASN B 122 -24.83 -1.73 0.66
C ASN B 122 -26.10 -2.57 0.76
N SER B 123 -27.09 -2.28 -0.08
CA SER B 123 -28.42 -2.96 -0.05
C SER B 123 -28.39 -4.29 -0.81
N ASP B 124 -27.33 -4.56 -1.57
CA ASP B 124 -27.11 -5.90 -2.19
C ASP B 124 -26.90 -6.92 -1.07
N LEU B 125 -26.14 -6.55 -0.03
CA LEU B 125 -25.61 -7.46 1.01
C LEU B 125 -26.41 -7.35 2.31
N TYR B 126 -26.94 -6.17 2.66
CA TYR B 126 -27.47 -5.91 4.03
C TYR B 126 -28.90 -5.39 3.94
N PRO B 127 -29.76 -5.77 4.93
CA PRO B 127 -31.17 -5.39 4.95
C PRO B 127 -31.48 -3.95 5.40
N ASP B 128 -30.49 -3.26 5.97
CA ASP B 128 -30.66 -1.89 6.52
C ASP B 128 -29.28 -1.32 6.85
N ALA B 129 -29.23 -0.01 7.05
CA ALA B 129 -28.01 0.77 7.29
C ALA B 129 -27.34 0.35 8.61
N SER B 130 -28.12 0.07 9.66
CA SER B 130 -27.55 -0.26 10.98
C SER B 130 -26.71 -1.55 10.90
N THR B 131 -27.25 -2.59 10.27
CA THR B 131 -26.60 -3.90 10.03
C THR B 131 -25.34 -3.70 9.18
N ALA B 132 -25.47 -2.97 8.06
CA ALA B 132 -24.36 -2.65 7.13
C ALA B 132 -23.25 -1.91 7.87
N SER B 133 -23.57 -1.16 8.94
CA SER B 133 -22.64 -0.17 9.54
C SER B 133 -21.44 -0.85 10.20
N ASN B 134 -21.51 -2.10 10.63
CA ASN B 134 -20.30 -2.68 11.28
C ASN B 134 -19.77 -3.81 10.39
N LYS B 135 -19.97 -3.73 9.07
CA LYS B 135 -19.60 -4.81 8.14
C LYS B 135 -18.76 -4.24 6.99
N SER B 136 -17.84 -5.07 6.53
CA SER B 136 -16.95 -4.75 5.39
C SER B 136 -17.81 -4.24 4.23
N GLU B 137 -17.39 -3.12 3.66
CA GLU B 137 -17.99 -2.47 2.46
C GLU B 137 -19.39 -1.93 2.80
N GLY B 138 -19.73 -1.72 4.07
CA GLY B 138 -21.14 -1.58 4.47
C GLY B 138 -21.75 -0.24 4.07
N LEU B 139 -20.97 0.85 4.16
CA LEU B 139 -21.55 2.20 3.93
C LEU B 139 -20.78 2.92 2.82
N ALA B 140 -21.45 3.83 2.17
CA ALA B 140 -20.85 4.77 1.20
C ALA B 140 -21.43 6.14 1.53
N VAL B 141 -20.56 7.12 1.73
CA VAL B 141 -21.02 8.50 2.01
C VAL B 141 -20.59 9.39 0.86
N LEU B 142 -21.48 10.26 0.41
CA LEU B 142 -21.12 11.38 -0.50
C LEU B 142 -20.94 12.60 0.38
N ALA B 143 -19.81 13.29 0.25
CA ALA B 143 -19.53 14.48 1.07
C ALA B 143 -19.48 15.66 0.12
N VAL B 144 -20.23 16.69 0.48
CA VAL B 144 -20.19 18.00 -0.23
C VAL B 144 -19.60 19.04 0.70
N LEU B 145 -18.54 19.70 0.23
CA LEU B 145 -17.93 20.83 0.93
C LEU B 145 -18.80 22.05 0.66
N ILE B 146 -19.03 22.85 1.70
CA ILE B 146 -19.93 24.02 1.61
C ILE B 146 -19.13 25.28 1.98
N GLU B 147 -19.10 26.23 1.07
CA GLU B 147 -18.42 27.50 1.33
C GLU B 147 -19.48 28.61 1.47
N MET B 148 -19.11 29.64 2.20
CA MET B 148 -19.90 30.88 2.33
C MET B 148 -19.88 31.58 0.98
N GLY B 149 -21.07 31.79 0.43
CA GLY B 149 -21.22 32.38 -0.91
C GLY B 149 -22.62 32.90 -1.15
N SER B 150 -23.16 32.61 -2.33
CA SER B 150 -24.55 32.91 -2.72
C SER B 150 -25.57 32.10 -1.92
N PHE B 151 -26.71 32.73 -1.70
CA PHE B 151 -27.93 32.02 -1.23
C PHE B 151 -28.19 30.81 -2.12
N ASN B 152 -28.57 29.69 -1.47
CA ASN B 152 -28.76 28.41 -2.14
C ASN B 152 -30.19 27.99 -1.87
N PRO B 153 -31.10 28.21 -2.84
CA PRO B 153 -32.50 27.82 -2.69
C PRO B 153 -32.68 26.34 -2.37
N SER B 154 -31.81 25.48 -2.86
CA SER B 154 -31.97 24.01 -2.67
C SER B 154 -31.64 23.67 -1.22
N TYR B 155 -30.56 24.24 -0.68
CA TYR B 155 -30.23 23.96 0.73
C TYR B 155 -31.31 24.57 1.62
N ASP B 156 -31.91 25.67 1.19
CA ASP B 156 -32.95 26.34 2.00
C ASP B 156 -34.18 25.41 2.14
N LYS B 157 -34.36 24.42 1.26
CA LYS B 157 -35.50 23.48 1.38
C LYS B 157 -35.34 22.69 2.68
N ILE B 158 -34.11 22.54 3.18
CA ILE B 158 -33.84 21.98 4.53
C ILE B 158 -33.91 23.10 5.56
N PHE B 159 -33.16 24.19 5.34
CA PHE B 159 -32.91 25.19 6.41
C PHE B 159 -34.20 25.89 6.83
N SER B 160 -35.16 26.00 5.91
CA SER B 160 -36.47 26.65 6.21
C SER B 160 -37.23 25.90 7.32
N HIS B 161 -36.84 24.67 7.67
CA HIS B 161 -37.57 23.81 8.65
C HIS B 161 -36.82 23.72 9.97
N LEU B 162 -35.66 24.36 10.08
CA LEU B 162 -34.84 24.21 11.30
C LEU B 162 -35.62 24.62 12.54
N GLN B 163 -36.49 25.63 12.45
CA GLN B 163 -37.15 26.16 13.67
C GLN B 163 -38.21 25.17 14.18
N HIS B 164 -38.51 24.08 13.46
CA HIS B 164 -39.41 23.00 13.91
C HIS B 164 -38.64 21.86 14.55
N VAL B 165 -37.30 21.84 14.48
CA VAL B 165 -36.50 20.72 15.04
C VAL B 165 -35.39 21.34 15.90
N LYS B 166 -35.72 22.42 16.62
CA LYS B 166 -34.73 23.16 17.45
CA LYS B 166 -34.74 23.17 17.46
C LYS B 166 -34.11 22.24 18.50
N TYR B 167 -34.87 21.27 19.05
CA TYR B 167 -34.39 20.50 20.22
C TYR B 167 -34.27 19.03 19.88
N LYS B 168 -33.42 18.37 20.66
CA LYS B 168 -33.16 16.92 20.51
C LYS B 168 -34.47 16.14 20.54
N GLY B 169 -34.61 15.26 19.58
CA GLY B 169 -35.77 14.35 19.45
C GLY B 169 -36.92 14.93 18.67
N GLN B 170 -36.87 16.22 18.31
CA GLN B 170 -37.95 16.84 17.54
C GLN B 170 -37.84 16.39 16.09
N GLU B 171 -39.01 16.26 15.47
CA GLU B 171 -39.18 15.75 14.09
C GLU B 171 -40.10 16.69 13.33
N ALA B 172 -39.87 16.82 12.04
CA ALA B 172 -40.70 17.67 11.16
C ALA B 172 -40.65 17.07 9.76
N PHE B 173 -41.64 17.38 8.95
CA PHE B 173 -41.71 16.82 7.58
C PHE B 173 -41.27 17.90 6.60
N VAL B 174 -40.42 17.50 5.65
CA VAL B 174 -39.84 18.36 4.57
C VAL B 174 -40.42 17.83 3.27
N PRO B 175 -41.11 18.65 2.45
CA PRO B 175 -41.52 18.16 1.13
C PRO B 175 -40.29 17.71 0.32
N GLY B 176 -40.49 16.70 -0.52
CA GLY B 176 -39.41 16.18 -1.36
C GLY B 176 -38.89 17.27 -2.29
N PHE B 177 -37.62 17.18 -2.60
CA PHE B 177 -37.01 18.03 -3.64
C PHE B 177 -35.90 17.21 -4.27
N ASN B 178 -35.27 17.77 -5.29
CA ASN B 178 -34.22 17.05 -6.03
C ASN B 178 -32.92 17.15 -5.23
N ILE B 179 -32.59 16.07 -4.53
CA ILE B 179 -31.35 16.00 -3.69
C ILE B 179 -30.13 16.24 -4.55
N GLU B 180 -30.15 15.92 -5.85
CA GLU B 180 -28.98 16.19 -6.73
C GLU B 180 -28.71 17.69 -6.75
N GLU B 181 -29.72 18.52 -6.45
CA GLU B 181 -29.46 19.98 -6.41
C GLU B 181 -28.52 20.34 -5.25
N LEU B 182 -28.34 19.48 -4.25
CA LEU B 182 -27.39 19.77 -3.15
C LEU B 182 -25.94 19.50 -3.60
N LEU B 183 -25.75 18.82 -4.73
CA LEU B 183 -24.40 18.39 -5.16
C LEU B 183 -23.77 19.51 -5.98
N PRO B 184 -22.43 19.55 -6.03
CA PRO B 184 -21.74 20.57 -6.79
C PRO B 184 -21.71 20.29 -8.29
N GLU B 185 -21.06 21.26 -8.95
CA GLU B 185 -20.66 21.16 -10.38
C GLU B 185 -19.64 20.04 -10.52
N ARG B 186 -19.69 19.35 -11.66
CA ARG B 186 -18.65 18.40 -12.10
C ARG B 186 -18.55 17.29 -11.03
N THR B 187 -19.68 16.64 -10.77
CA THR B 187 -19.64 15.52 -9.78
C THR B 187 -18.70 14.39 -10.22
N ALA B 188 -18.33 14.34 -11.50
CA ALA B 188 -17.37 13.33 -11.97
C ALA B 188 -16.01 13.50 -11.29
N GLU B 189 -15.72 14.66 -10.72
CA GLU B 189 -14.41 14.95 -10.09
C GLU B 189 -14.55 14.80 -8.58
N TYR B 190 -13.92 13.78 -8.03
CA TYR B 190 -14.07 13.47 -6.60
C TYR B 190 -12.80 12.82 -6.06
N TYR B 191 -12.69 12.89 -4.74
CA TYR B 191 -11.70 12.16 -3.94
C TYR B 191 -12.39 10.91 -3.38
N ARG B 192 -11.65 9.80 -3.34
CA ARG B 192 -12.22 8.50 -2.91
C ARG B 192 -11.26 7.87 -1.93
N TYR B 193 -11.73 7.42 -0.77
CA TYR B 193 -10.81 6.74 0.15
C TYR B 193 -11.63 5.88 1.09
N ARG B 194 -10.93 4.96 1.75
CA ARG B 194 -11.53 4.05 2.76
C ARG B 194 -11.41 4.73 4.12
N GLY B 195 -12.52 4.91 4.81
CA GLY B 195 -12.43 5.45 6.15
C GLY B 195 -13.56 4.97 7.00
N SER B 196 -14.05 5.88 7.84
CA SER B 196 -14.91 5.49 8.96
C SER B 196 -16.11 6.45 9.10
N LEU B 197 -17.05 6.11 9.96
CA LEU B 197 -18.00 7.11 10.50
C LEU B 197 -17.17 8.21 11.18
N THR B 198 -17.53 9.47 11.00
CA THR B 198 -16.84 10.59 11.70
C THR B 198 -17.48 10.85 13.07
N THR B 199 -18.53 10.09 13.44
CA THR B 199 -19.16 10.13 14.77
C THR B 199 -18.98 8.76 15.36
N PRO B 200 -19.09 8.65 16.68
CA PRO B 200 -19.28 7.35 17.28
C PRO B 200 -20.40 6.62 16.56
N PRO B 201 -20.33 5.28 16.45
CA PRO B 201 -19.20 4.48 16.98
C PRO B 201 -17.94 4.38 16.12
N CYS B 202 -17.82 5.20 15.06
CA CYS B 202 -16.56 5.39 14.28
C CYS B 202 -16.18 4.08 13.54
N ASN B 203 -17.14 3.29 13.11
CA ASN B 203 -16.84 2.00 12.47
C ASN B 203 -16.06 2.28 11.20
N PRO B 204 -14.96 1.54 10.94
CA PRO B 204 -14.12 1.76 9.76
C PRO B 204 -14.67 1.08 8.49
N THR B 205 -15.89 1.44 8.15
CA THR B 205 -16.72 0.70 7.18
C THR B 205 -17.26 1.58 6.06
N VAL B 206 -16.69 2.78 5.87
CA VAL B 206 -17.25 3.79 4.93
C VAL B 206 -16.34 3.94 3.71
N LEU B 207 -16.94 3.77 2.56
CA LEU B 207 -16.29 4.19 1.29
C LEU B 207 -16.64 5.69 1.10
N TRP B 208 -15.67 6.58 1.25
CA TRP B 208 -15.87 8.05 1.14
C TRP B 208 -15.71 8.48 -0.31
N THR B 209 -16.64 9.30 -0.73
CA THR B 209 -16.53 10.11 -1.98
C THR B 209 -16.70 11.56 -1.56
N VAL B 210 -15.65 12.37 -1.71
CA VAL B 210 -15.75 13.80 -1.40
C VAL B 210 -15.68 14.50 -2.75
N PHE B 211 -16.69 15.24 -3.11
CA PHE B 211 -16.63 15.94 -4.41
C PHE B 211 -15.53 16.99 -4.38
N ARG B 212 -14.86 17.18 -5.51
CA ARG B 212 -13.76 18.15 -5.61
C ARG B 212 -14.28 19.57 -5.38
N ASN B 213 -15.44 19.89 -5.95
CA ASN B 213 -15.94 21.28 -6.01
C ASN B 213 -16.90 21.50 -4.86
N PRO B 214 -16.77 22.64 -4.16
CA PRO B 214 -17.74 23.03 -3.15
C PRO B 214 -19.02 23.61 -3.78
N VAL B 215 -20.06 23.62 -2.97
CA VAL B 215 -21.28 24.43 -3.18
C VAL B 215 -21.22 25.67 -2.30
N GLN B 216 -22.06 26.64 -2.58
CA GLN B 216 -22.20 27.87 -1.77
C GLN B 216 -23.54 27.88 -1.06
N ILE B 217 -23.52 28.38 0.17
CA ILE B 217 -24.74 28.84 0.86
C ILE B 217 -24.39 30.21 1.43
N SER B 218 -25.39 31.00 1.76
CA SER B 218 -25.12 32.37 2.20
C SER B 218 -24.65 32.43 3.65
N GLN B 219 -24.05 33.57 4.01
CA GLN B 219 -23.75 33.91 5.43
C GLN B 219 -25.06 33.80 6.24
N GLU B 220 -26.20 34.25 5.72
CA GLU B 220 -27.46 34.26 6.50
C GLU B 220 -27.95 32.81 6.68
N GLN B 221 -27.73 31.96 5.68
CA GLN B 221 -28.09 30.52 5.79
C GLN B 221 -27.17 29.85 6.81
N LEU B 222 -25.89 30.12 6.75
CA LEU B 222 -24.98 29.56 7.78
C LEU B 222 -25.39 30.04 9.19
N LEU B 223 -25.67 31.31 9.35
CA LEU B 223 -26.06 31.86 10.67
C LEU B 223 -27.32 31.16 11.16
N ALA B 224 -28.33 30.94 10.30
CA ALA B 224 -29.54 30.19 10.72
C ALA B 224 -29.13 28.80 11.20
N LEU B 225 -28.35 28.07 10.40
CA LEU B 225 -27.93 26.69 10.75
C LEU B 225 -27.17 26.72 12.08
N GLU B 226 -26.34 27.74 12.28
CA GLU B 226 -25.45 27.85 13.46
C GLU B 226 -26.19 28.33 14.71
N THR B 227 -27.38 28.89 14.58
CA THR B 227 -28.13 29.47 15.73
C THR B 227 -29.43 28.74 16.01
N ALA B 228 -29.92 27.88 15.13
CA ALA B 228 -31.30 27.37 15.27
C ALA B 228 -31.33 26.23 16.29
N LEU B 229 -30.27 25.45 16.41
CA LEU B 229 -30.42 24.06 16.96
C LEU B 229 -29.70 23.88 18.28
N TYR B 230 -30.24 22.96 19.08
CA TYR B 230 -29.73 22.57 20.41
C TYR B 230 -29.45 21.08 20.39
N CYS B 231 -28.37 20.67 21.05
CA CYS B 231 -28.04 19.25 21.30
C CYS B 231 -28.99 18.65 22.33
N THR B 232 -29.69 19.50 23.08
CA THR B 232 -30.43 19.08 24.30
C THR B 232 -31.93 19.05 24.02
N HIS B 233 -32.68 18.32 24.84
CA HIS B 233 -34.16 18.36 24.83
C HIS B 233 -34.68 19.77 25.15
N MET B 234 -35.90 20.05 24.71
CA MET B 234 -36.57 21.36 24.91
C MET B 234 -36.61 21.70 26.41
N ASP B 235 -36.73 20.69 27.28
CA ASP B 235 -36.94 20.94 28.73
C ASP B 235 -35.65 20.79 29.52
N ASP B 236 -34.50 20.66 28.85
CA ASP B 236 -33.21 20.45 29.54
C ASP B 236 -32.84 21.72 30.27
N PRO B 237 -32.58 21.69 31.59
CA PRO B 237 -32.10 22.87 32.30
C PRO B 237 -30.64 23.29 32.08
N SER B 238 -29.87 22.54 31.26
CA SER B 238 -28.47 22.87 30.89
C SER B 238 -28.38 22.80 29.38
N PRO B 239 -29.07 23.70 28.67
CA PRO B 239 -29.12 23.67 27.20
C PRO B 239 -27.72 23.82 26.61
N ARG B 240 -27.50 23.14 25.49
CA ARG B 240 -26.20 23.20 24.77
C ARG B 240 -26.51 23.49 23.32
N GLU B 241 -25.99 24.60 22.81
CA GLU B 241 -26.09 24.95 21.38
C GLU B 241 -25.44 23.86 20.51
N MET B 242 -26.09 23.50 19.41
CA MET B 242 -25.51 22.57 18.43
C MET B 242 -24.62 23.38 17.49
N ILE B 243 -23.34 23.47 17.87
CA ILE B 243 -22.33 24.26 17.12
C ILE B 243 -21.04 23.42 17.10
N ASN B 244 -20.17 23.71 16.15
CA ASN B 244 -18.85 23.09 16.06
C ASN B 244 -19.01 21.57 16.15
N ASN B 245 -19.95 21.01 15.39
CA ASN B 245 -20.24 19.56 15.42
C ASN B 245 -19.46 18.85 14.30
N PHE B 246 -18.16 19.00 14.30
CA PHE B 246 -17.22 18.39 13.34
C PHE B 246 -16.07 17.79 14.14
N ARG B 247 -15.57 16.67 13.64
CA ARG B 247 -14.36 16.03 14.18
C ARG B 247 -13.14 16.67 13.56
N GLN B 248 -12.07 16.76 14.35
CA GLN B 248 -10.72 17.06 13.83
C GLN B 248 -10.26 16.00 12.82
N VAL B 249 -9.43 16.42 11.90
CA VAL B 249 -8.86 15.44 10.91
C VAL B 249 -7.97 14.43 11.64
N GLN B 250 -7.87 13.26 11.05
CA GLN B 250 -7.24 12.05 11.59
C GLN B 250 -5.91 11.77 10.89
N LYS B 251 -5.04 11.04 11.57
CA LYS B 251 -3.81 10.47 10.95
C LYS B 251 -4.20 9.59 9.76
N PHE B 252 -3.37 9.56 8.72
CA PHE B 252 -3.64 8.76 7.50
C PHE B 252 -3.49 7.25 7.70
N ASP B 253 -2.65 6.78 8.63
CA ASP B 253 -2.38 5.32 8.81
C ASP B 253 -2.00 4.67 7.46
N GLU B 254 -1.14 5.32 6.65
CA GLU B 254 -0.52 4.78 5.39
C GLU B 254 -1.55 4.75 4.23
N ARG B 255 -2.76 5.29 4.41
CA ARG B 255 -3.78 5.36 3.34
C ARG B 255 -3.32 6.32 2.24
N LEU B 256 -3.73 6.05 1.00
CA LEU B 256 -3.77 7.10 -0.04
C LEU B 256 -5.24 7.48 -0.27
N VAL B 257 -5.41 8.65 -0.85
CA VAL B 257 -6.68 9.17 -1.38
C VAL B 257 -6.58 9.10 -2.89
N TYR B 258 -7.54 8.43 -3.53
CA TYR B 258 -7.55 8.28 -5.01
C TYR B 258 -8.41 9.40 -5.59
N THR B 259 -7.98 9.99 -6.69
CA THR B 259 -8.70 11.10 -7.33
C THR B 259 -9.19 10.67 -8.70
N SER B 260 -10.38 11.09 -9.08
CA SER B 260 -10.96 10.79 -10.42
C SER B 260 -10.49 11.83 -11.43
N PHE B 261 -9.75 12.82 -10.96
CA PHE B 261 -9.26 13.97 -11.75
C PHE B 261 -7.73 13.93 -11.65
N SER B 262 -7.03 14.16 -12.77
CA SER B 262 -5.55 14.19 -12.75
C SER B 262 -5.07 15.61 -12.40
N LYS C 3 -10.06 -25.67 -0.96
CA LYS C 3 -10.22 -24.19 -1.16
C LYS C 3 -8.90 -23.60 -1.68
N TRP C 4 -9.01 -22.71 -2.65
CA TRP C 4 -7.83 -22.11 -3.29
C TRP C 4 -8.22 -20.73 -3.82
N THR C 5 -7.23 -19.86 -3.94
CA THR C 5 -7.37 -18.49 -4.47
C THR C 5 -6.16 -18.14 -5.33
N TYR C 6 -6.12 -16.90 -5.81
CA TYR C 6 -4.95 -16.34 -6.53
C TYR C 6 -4.17 -15.35 -5.66
N PHE C 7 -4.51 -15.18 -4.40
CA PHE C 7 -3.85 -14.12 -3.59
C PHE C 7 -3.77 -14.57 -2.14
N GLY C 8 -2.60 -14.38 -1.52
CA GLY C 8 -2.43 -14.64 -0.07
C GLY C 8 -2.17 -16.11 0.23
N PRO C 9 -2.50 -16.58 1.45
CA PRO C 9 -1.98 -17.86 1.93
C PRO C 9 -2.45 -19.08 1.15
N ASP C 10 -3.60 -18.99 0.45
CA ASP C 10 -4.18 -20.12 -0.31
C ASP C 10 -3.98 -19.88 -1.82
N GLY C 11 -3.08 -18.95 -2.15
CA GLY C 11 -2.68 -18.62 -3.52
C GLY C 11 -1.81 -19.70 -4.16
N GLU C 12 -1.31 -19.42 -5.35
CA GLU C 12 -0.85 -20.47 -6.29
C GLU C 12 0.40 -21.18 -5.75
N ASN C 13 1.22 -20.51 -4.92
CA ASN C 13 2.42 -21.19 -4.37
C ASN C 13 2.00 -22.26 -3.35
N SER C 14 0.75 -22.21 -2.91
CA SER C 14 0.20 -23.14 -1.89
C SER C 14 -0.72 -24.20 -2.50
N TRP C 15 -1.08 -24.10 -3.78
CA TRP C 15 -2.05 -25.08 -4.36
C TRP C 15 -1.55 -26.51 -4.18
N SER C 16 -0.27 -26.74 -4.32
CA SER C 16 0.31 -28.12 -4.28
C SER C 16 0.09 -28.74 -2.89
N LYS C 17 -0.17 -27.96 -1.86
CA LYS C 17 -0.43 -28.54 -0.51
C LYS C 17 -1.73 -29.35 -0.54
N LYS C 18 -2.68 -29.01 -1.41
CA LYS C 18 -4.01 -29.67 -1.48
C LYS C 18 -4.24 -30.40 -2.79
N TYR C 19 -3.49 -30.03 -3.82
CA TYR C 19 -3.69 -30.54 -5.20
C TYR C 19 -2.32 -30.93 -5.70
N PRO C 20 -1.92 -32.19 -5.49
CA PRO C 20 -0.54 -32.60 -5.76
C PRO C 20 -0.08 -32.30 -7.19
N SER C 21 -0.95 -32.39 -8.19
CA SER C 21 -0.53 -32.20 -9.60
C SER C 21 -0.08 -30.76 -9.83
N CYS C 22 -0.50 -29.81 -8.98
CA CYS C 22 -0.07 -28.39 -9.10
C CYS C 22 1.43 -28.27 -8.80
N GLY C 23 2.04 -29.26 -8.13
CA GLY C 23 3.50 -29.34 -7.93
C GLY C 23 4.17 -30.40 -8.78
N GLY C 24 3.46 -30.93 -9.76
CA GLY C 24 4.04 -31.94 -10.66
C GLY C 24 4.57 -31.36 -11.95
N LEU C 25 4.78 -32.23 -12.93
CA LEU C 25 5.38 -31.79 -14.21
C LEU C 25 4.31 -31.24 -15.14
N LEU C 26 4.79 -30.62 -16.23
CA LEU C 26 4.00 -30.28 -17.44
C LEU C 26 2.90 -29.28 -17.10
N GLN C 27 3.23 -28.28 -16.30
CA GLN C 27 2.24 -27.31 -15.84
C GLN C 27 2.09 -26.18 -16.87
N SER C 28 0.89 -25.62 -16.85
CA SER C 28 0.50 -24.43 -17.66
C SER C 28 0.16 -23.31 -16.72
N PRO C 29 0.23 -22.04 -17.11
CA PRO C 29 0.65 -21.60 -18.44
C PRO C 29 2.16 -21.50 -18.57
N ILE C 30 2.62 -21.06 -19.75
CA ILE C 30 4.05 -20.86 -20.06
C ILE C 30 4.23 -19.58 -20.87
N ASP C 31 5.47 -19.13 -20.90
CA ASP C 31 5.88 -17.97 -21.72
C ASP C 31 6.28 -18.49 -23.09
N LEU C 32 5.66 -17.96 -24.13
CA LEU C 32 5.95 -18.38 -25.53
C LEU C 32 7.07 -17.48 -26.04
N HIS C 33 8.28 -18.02 -26.21
CA HIS C 33 9.42 -17.20 -26.66
C HIS C 33 10.26 -18.03 -27.61
N SER C 34 11.04 -17.36 -28.47
CA SER C 34 11.68 -17.96 -29.66
C SER C 34 12.47 -19.22 -29.28
N ASP C 35 13.28 -19.17 -28.22
CA ASP C 35 14.24 -20.28 -27.95
C ASP C 35 13.52 -21.63 -27.85
N ILE C 36 12.24 -21.66 -27.44
CA ILE C 36 11.53 -22.94 -27.15
C ILE C 36 10.47 -23.24 -28.20
N LEU C 37 10.41 -22.48 -29.29
CA LEU C 37 9.45 -22.68 -30.40
C LEU C 37 10.09 -23.56 -31.46
N GLN C 38 9.28 -24.46 -32.02
CA GLN C 38 9.73 -25.32 -33.14
C GLN C 38 8.60 -25.46 -34.13
N TYR C 39 8.84 -25.09 -35.38
CA TYR C 39 7.83 -25.27 -36.45
C TYR C 39 7.56 -26.78 -36.61
N ASP C 40 6.29 -27.18 -36.78
CA ASP C 40 5.87 -28.60 -36.94
C ASP C 40 4.87 -28.64 -38.08
N ALA C 41 5.25 -29.23 -39.20
CA ALA C 41 4.38 -29.32 -40.39
C ALA C 41 3.18 -30.24 -40.13
N SER C 42 3.17 -31.03 -39.04
CA SER C 42 2.04 -31.92 -38.70
C SER C 42 0.87 -31.10 -38.15
N LEU C 43 1.09 -29.82 -37.82
CA LEU C 43 0.04 -28.98 -37.19
C LEU C 43 -0.86 -28.37 -38.26
N THR C 44 -1.89 -29.13 -38.64
CA THR C 44 -2.84 -28.75 -39.71
C THR C 44 -3.98 -27.92 -39.11
N PRO C 45 -4.77 -27.22 -39.95
CA PRO C 45 -5.81 -26.34 -39.42
C PRO C 45 -6.90 -27.14 -38.68
N LEU C 46 -7.28 -26.65 -37.51
CA LEU C 46 -8.46 -27.18 -36.77
C LEU C 46 -9.75 -26.77 -37.49
N GLU C 47 -10.78 -27.60 -37.35
CA GLU C 47 -12.14 -27.25 -37.79
C GLU C 47 -13.02 -27.14 -36.54
N PHE C 48 -13.79 -26.07 -36.49
CA PHE C 48 -14.71 -25.75 -35.37
C PHE C 48 -16.13 -26.06 -35.83
N GLN C 49 -16.70 -27.14 -35.30
CA GLN C 49 -17.99 -27.72 -35.74
C GLN C 49 -19.02 -27.41 -34.66
N GLY C 50 -20.19 -26.91 -35.04
CA GLY C 50 -21.29 -26.66 -34.10
C GLY C 50 -20.98 -25.50 -33.15
N TYR C 51 -20.05 -24.62 -33.53
CA TYR C 51 -19.73 -23.38 -32.76
C TYR C 51 -20.85 -22.35 -32.91
N ASN C 52 -21.65 -22.47 -33.97
CA ASN C 52 -22.73 -21.49 -34.24
C ASN C 52 -23.97 -21.86 -33.42
N LEU C 53 -24.05 -21.39 -32.17
CA LEU C 53 -25.16 -21.74 -31.25
C LEU C 53 -26.37 -20.87 -31.60
N SER C 54 -27.54 -21.46 -31.57
CA SER C 54 -28.78 -20.75 -31.96
C SER C 54 -29.10 -19.66 -30.93
N ALA C 55 -29.49 -18.48 -31.42
CA ALA C 55 -30.02 -17.36 -30.61
C ALA C 55 -31.29 -17.76 -29.84
N ASN C 56 -31.98 -18.83 -30.21
CA ASN C 56 -33.27 -19.19 -29.59
C ASN C 56 -32.99 -20.23 -28.50
N LYS C 57 -31.72 -20.62 -28.38
CA LYS C 57 -31.24 -21.51 -27.30
C LYS C 57 -30.52 -20.65 -26.27
N GLN C 58 -30.43 -21.15 -25.05
CA GLN C 58 -29.87 -20.41 -23.90
C GLN C 58 -28.81 -21.27 -23.23
N PHE C 59 -27.73 -20.63 -22.77
CA PHE C 59 -26.55 -21.31 -22.20
C PHE C 59 -26.24 -20.68 -20.85
N LEU C 60 -25.96 -21.53 -19.89
CA LEU C 60 -25.80 -21.14 -18.46
C LEU C 60 -24.45 -20.45 -18.24
N LEU C 61 -24.50 -19.20 -17.81
CA LEU C 61 -23.33 -18.42 -17.33
C LEU C 61 -23.29 -18.55 -15.80
N THR C 62 -22.11 -18.80 -15.24
CA THR C 62 -21.96 -19.05 -13.79
C THR C 62 -20.74 -18.33 -13.23
N ASN C 63 -20.88 -17.69 -12.07
CA ASN C 63 -19.73 -17.25 -11.25
C ASN C 63 -19.40 -18.41 -10.34
N ASN C 64 -18.26 -19.06 -10.57
CA ASN C 64 -17.89 -20.25 -9.79
C ASN C 64 -16.90 -19.88 -8.70
N GLY C 65 -16.69 -18.57 -8.48
CA GLY C 65 -15.80 -18.05 -7.44
C GLY C 65 -14.35 -17.99 -7.91
N HIS C 66 -14.05 -18.43 -9.12
CA HIS C 66 -12.68 -18.39 -9.70
C HIS C 66 -12.65 -17.67 -11.05
N SER C 67 -13.76 -17.72 -11.78
CA SER C 67 -13.90 -17.08 -13.10
C SER C 67 -15.38 -16.88 -13.36
N VAL C 68 -15.69 -16.39 -14.53
CA VAL C 68 -17.07 -16.48 -15.07
C VAL C 68 -17.05 -17.56 -16.16
N LYS C 69 -17.97 -18.51 -16.09
CA LYS C 69 -17.96 -19.69 -16.96
C LYS C 69 -19.26 -19.75 -17.77
N LEU C 70 -19.16 -20.01 -19.06
CA LEU C 70 -20.33 -20.25 -19.93
C LEU C 70 -20.35 -21.74 -20.26
N ASN C 71 -21.45 -22.41 -19.95
CA ASN C 71 -21.60 -23.84 -20.27
C ASN C 71 -21.80 -23.96 -21.79
N LEU C 72 -21.16 -24.97 -22.40
CA LEU C 72 -21.26 -25.19 -23.87
C LEU C 72 -21.79 -26.60 -24.10
N PRO C 73 -22.48 -26.82 -25.23
CA PRO C 73 -23.02 -28.15 -25.57
C PRO C 73 -22.02 -29.11 -26.23
N SER C 74 -22.16 -30.42 -25.97
CA SER C 74 -21.19 -31.44 -26.43
C SER C 74 -21.26 -31.59 -27.95
N ASP C 75 -22.33 -31.06 -28.58
CA ASP C 75 -22.50 -31.06 -30.05
C ASP C 75 -21.40 -30.17 -30.66
N MET C 76 -20.90 -29.23 -29.90
CA MET C 76 -19.86 -28.34 -30.34
C MET C 76 -18.50 -29.08 -30.22
N HIS C 77 -17.71 -29.10 -31.30
CA HIS C 77 -16.47 -29.86 -31.24
C HIS C 77 -15.36 -29.40 -32.14
N ILE C 78 -14.17 -29.88 -31.83
CA ILE C 78 -13.04 -29.62 -32.64
C ILE C 78 -12.70 -30.87 -33.44
N GLN C 79 -12.46 -30.68 -34.73
CA GLN C 79 -11.96 -31.73 -35.56
C GLN C 79 -10.50 -31.42 -35.93
N GLY C 80 -9.62 -32.40 -35.96
CA GLY C 80 -8.28 -32.13 -36.36
C GLY C 80 -7.26 -32.69 -35.45
N LEU C 81 -7.65 -33.09 -34.27
CA LEU C 81 -6.73 -33.64 -33.33
C LEU C 81 -6.74 -35.18 -33.43
N GLN C 82 -6.04 -35.83 -32.51
CA GLN C 82 -5.91 -37.32 -32.56
C GLN C 82 -7.23 -38.00 -32.23
N SER C 83 -8.15 -37.26 -31.60
CA SER C 83 -9.48 -37.71 -31.15
C SER C 83 -10.46 -36.56 -31.35
N ARG C 84 -11.76 -36.84 -31.35
CA ARG C 84 -12.79 -35.78 -31.28
C ARG C 84 -12.76 -35.18 -29.88
N TYR C 85 -12.65 -33.86 -29.78
CA TYR C 85 -12.82 -33.14 -28.50
C TYR C 85 -14.10 -32.33 -28.57
N SER C 86 -14.99 -32.55 -27.60
CA SER C 86 -16.31 -31.91 -27.48
C SER C 86 -16.25 -30.79 -26.44
N ALA C 87 -16.86 -29.65 -26.75
CA ALA C 87 -16.89 -28.50 -25.81
C ALA C 87 -17.60 -28.88 -24.50
N THR C 88 -17.17 -28.24 -23.41
CA THR C 88 -17.85 -28.31 -22.09
C THR C 88 -18.13 -26.91 -21.57
N GLN C 89 -17.19 -25.98 -21.68
CA GLN C 89 -17.38 -24.63 -21.11
C GLN C 89 -16.29 -23.73 -21.64
N LEU C 90 -16.54 -22.42 -21.57
CA LEU C 90 -15.48 -21.44 -21.73
C LEU C 90 -15.47 -20.51 -20.51
N HIS C 91 -14.32 -19.87 -20.29
CA HIS C 91 -14.16 -18.95 -19.15
C HIS C 91 -13.00 -18.03 -19.46
N LEU C 92 -12.76 -17.05 -18.58
CA LEU C 92 -11.73 -16.03 -18.82
C LEU C 92 -10.80 -15.85 -17.62
N HIS C 93 -9.68 -15.20 -17.88
CA HIS C 93 -8.67 -14.84 -16.86
C HIS C 93 -8.31 -13.39 -17.09
N TRP C 94 -8.21 -12.60 -16.03
CA TRP C 94 -7.98 -11.14 -16.22
C TRP C 94 -7.17 -10.56 -15.05
N GLY C 95 -6.87 -9.27 -15.20
CA GLY C 95 -6.07 -8.49 -14.25
C GLY C 95 -6.94 -7.70 -13.29
N ASN C 96 -6.63 -6.41 -13.16
CA ASN C 96 -7.27 -5.54 -12.13
C ASN C 96 -7.31 -4.14 -12.71
N PRO C 97 -8.22 -3.28 -12.19
CA PRO C 97 -8.61 -2.03 -12.86
C PRO C 97 -7.53 -1.16 -13.52
N ASN C 98 -6.38 -0.92 -12.94
CA ASN C 98 -5.40 -0.06 -13.69
C ASN C 98 -4.22 -0.91 -14.14
N ASP C 99 -4.40 -2.23 -14.13
CA ASP C 99 -3.30 -3.17 -14.44
C ASP C 99 -3.87 -4.31 -15.27
N PRO C 100 -4.37 -3.97 -16.48
CA PRO C 100 -5.00 -4.95 -17.36
C PRO C 100 -3.90 -5.78 -18.03
N HIS C 101 -3.25 -6.66 -17.27
CA HIS C 101 -2.15 -7.54 -17.75
C HIS C 101 -2.37 -8.95 -17.18
N GLY C 102 -3.56 -9.48 -17.42
CA GLY C 102 -4.06 -10.69 -16.76
C GLY C 102 -4.09 -11.93 -17.63
N SER C 103 -3.49 -11.95 -18.81
CA SER C 103 -3.37 -13.23 -19.57
C SER C 103 -2.57 -14.26 -18.77
N GLU C 104 -2.85 -15.53 -18.99
CA GLU C 104 -2.08 -16.63 -18.37
C GLU C 104 -0.84 -16.86 -19.23
N HIS C 105 -1.01 -17.18 -20.51
CA HIS C 105 0.16 -17.28 -21.41
C HIS C 105 0.74 -15.90 -21.62
N THR C 106 2.06 -15.85 -21.74
CA THR C 106 2.77 -14.60 -22.09
C THR C 106 3.49 -14.81 -23.40
N VAL C 107 3.80 -13.74 -24.10
CA VAL C 107 4.56 -13.83 -25.36
C VAL C 107 5.79 -12.95 -25.22
N SER C 108 6.97 -13.55 -25.32
CA SER C 108 8.28 -12.89 -25.11
C SER C 108 8.22 -12.08 -23.82
N GLY C 109 7.64 -12.67 -22.77
CA GLY C 109 7.62 -12.11 -21.41
C GLY C 109 6.49 -11.11 -21.14
N GLN C 110 5.64 -10.84 -22.13
CA GLN C 110 4.61 -9.78 -22.05
C GLN C 110 3.26 -10.45 -21.82
N HIS C 111 2.52 -9.94 -20.83
CA HIS C 111 1.09 -10.30 -20.66
C HIS C 111 0.22 -9.54 -21.66
N PHE C 112 -0.76 -10.23 -22.22
CA PHE C 112 -1.94 -9.56 -22.81
C PHE C 112 -2.90 -9.13 -21.68
N ALA C 113 -3.95 -8.38 -22.03
CA ALA C 113 -4.91 -7.85 -21.04
C ALA C 113 -5.65 -8.99 -20.32
N ALA C 114 -6.05 -10.01 -21.08
CA ALA C 114 -6.89 -11.11 -20.56
C ALA C 114 -6.75 -12.32 -21.49
N GLU C 115 -7.45 -13.39 -21.16
CA GLU C 115 -7.32 -14.64 -21.93
C GLU C 115 -8.63 -15.42 -21.85
N LEU C 116 -9.09 -15.91 -23.00
CA LEU C 116 -10.29 -16.79 -23.11
C LEU C 116 -9.81 -18.22 -23.23
N HIS C 117 -10.39 -19.12 -22.45
CA HIS C 117 -10.18 -20.58 -22.61
C HIS C 117 -11.50 -21.24 -23.04
N ILE C 118 -11.46 -21.98 -24.15
CA ILE C 118 -12.60 -22.85 -24.55
C ILE C 118 -12.18 -24.29 -24.30
N VAL C 119 -12.76 -24.86 -23.24
CA VAL C 119 -12.38 -26.19 -22.72
C VAL C 119 -13.22 -27.27 -23.42
N HIS C 120 -12.51 -28.28 -23.92
CA HIS C 120 -13.08 -29.45 -24.62
C HIS C 120 -12.58 -30.69 -23.90
N TYR C 121 -13.33 -31.78 -24.03
CA TYR C 121 -12.89 -33.07 -23.46
C TYR C 121 -12.90 -34.12 -24.57
N ASN C 122 -12.14 -35.17 -24.31
CA ASN C 122 -11.94 -36.31 -25.25
C ASN C 122 -13.19 -37.19 -25.18
N SER C 123 -14.15 -36.94 -26.07
CA SER C 123 -15.45 -37.65 -26.05
C SER C 123 -15.33 -39.01 -26.74
N ASP C 124 -14.23 -39.27 -27.44
CA ASP C 124 -13.95 -40.63 -27.98
C ASP C 124 -13.63 -41.58 -26.80
N LEU C 125 -12.97 -41.10 -25.74
CA LEU C 125 -12.45 -41.94 -24.64
C LEU C 125 -13.36 -41.86 -23.41
N TYR C 126 -13.97 -40.71 -23.14
CA TYR C 126 -14.57 -40.39 -21.83
C TYR C 126 -16.02 -39.92 -22.01
N PRO C 127 -16.87 -40.28 -21.04
CA PRO C 127 -18.29 -39.99 -21.14
C PRO C 127 -18.63 -38.55 -20.78
N ASP C 128 -17.71 -37.83 -20.12
CA ASP C 128 -17.96 -36.45 -19.65
C ASP C 128 -16.64 -35.77 -19.32
N ALA C 129 -16.66 -34.44 -19.21
CA ALA C 129 -15.46 -33.62 -19.01
C ALA C 129 -14.84 -33.88 -17.63
N SER C 130 -15.66 -34.05 -16.59
CA SER C 130 -15.12 -34.27 -15.23
C SER C 130 -14.33 -35.60 -15.23
N THR C 131 -14.90 -36.65 -15.81
CA THR C 131 -14.23 -37.97 -15.90
C THR C 131 -12.94 -37.82 -16.71
N ALA C 132 -12.99 -37.06 -17.81
CA ALA C 132 -11.85 -36.88 -18.72
C ALA C 132 -10.70 -36.17 -18.02
N SER C 133 -11.02 -35.25 -17.11
CA SER C 133 -10.12 -34.16 -16.68
C SER C 133 -8.86 -34.70 -15.97
N ASN C 134 -8.89 -35.88 -15.35
CA ASN C 134 -7.67 -36.40 -14.67
C ASN C 134 -7.13 -37.62 -15.41
N LYS C 135 -7.54 -37.82 -16.67
CA LYS C 135 -7.15 -39.02 -17.43
C LYS C 135 -6.39 -38.64 -18.70
N SER C 136 -5.65 -39.64 -19.21
CA SER C 136 -4.74 -39.51 -20.37
CA SER C 136 -4.73 -39.49 -20.37
C SER C 136 -5.47 -38.86 -21.54
N GLU C 137 -4.86 -37.84 -22.16
CA GLU C 137 -5.43 -37.16 -23.36
C GLU C 137 -6.84 -36.62 -23.07
N GLY C 138 -7.17 -36.28 -21.83
CA GLY C 138 -8.54 -35.98 -21.41
C GLY C 138 -9.08 -34.70 -22.01
N LEU C 139 -8.25 -33.66 -22.08
CA LEU C 139 -8.75 -32.29 -22.38
C LEU C 139 -7.96 -31.65 -23.52
N ALA C 140 -8.63 -30.73 -24.20
CA ALA C 140 -7.98 -29.81 -25.16
C ALA C 140 -8.58 -28.44 -24.95
N VAL C 141 -7.72 -27.44 -24.81
CA VAL C 141 -8.21 -26.06 -24.63
C VAL C 141 -7.78 -25.20 -25.82
N LEU C 142 -8.68 -24.36 -26.29
CA LEU C 142 -8.34 -23.30 -27.24
C LEU C 142 -8.15 -22.03 -26.40
N ALA C 143 -7.01 -21.37 -26.52
CA ALA C 143 -6.69 -20.14 -25.76
C ALA C 143 -6.64 -18.97 -26.73
N VAL C 144 -7.41 -17.95 -26.44
CA VAL C 144 -7.37 -16.69 -27.23
C VAL C 144 -6.78 -15.58 -26.34
N LEU C 145 -5.69 -14.98 -26.79
CA LEU C 145 -5.05 -13.85 -26.10
C LEU C 145 -5.89 -12.62 -26.39
N ILE C 146 -6.15 -11.82 -25.38
CA ILE C 146 -7.07 -10.66 -25.49
C ILE C 146 -6.28 -9.40 -25.20
N GLU C 147 -6.25 -8.52 -26.21
CA GLU C 147 -5.52 -7.25 -26.14
C GLU C 147 -6.52 -6.13 -25.87
N MET C 148 -6.09 -5.14 -25.12
CA MET C 148 -6.87 -3.89 -24.96
C MET C 148 -6.87 -3.17 -26.31
N GLY C 149 -8.07 -2.93 -26.85
CA GLY C 149 -8.23 -2.38 -28.21
C GLY C 149 -9.62 -1.88 -28.47
N SER C 150 -10.17 -2.22 -29.61
CA SER C 150 -11.54 -1.84 -30.03
C SER C 150 -12.58 -2.61 -29.21
N PHE C 151 -13.72 -1.96 -28.98
CA PHE C 151 -14.96 -2.62 -28.51
C PHE C 151 -15.23 -3.85 -29.36
N ASN C 152 -15.56 -4.96 -28.69
CA ASN C 152 -15.87 -6.25 -29.35
C ASN C 152 -17.31 -6.63 -29.05
N PRO C 153 -18.25 -6.49 -30.03
CA PRO C 153 -19.65 -6.83 -29.79
C PRO C 153 -19.87 -8.30 -29.50
N SER C 154 -19.00 -9.18 -30.00
CA SER C 154 -19.14 -10.63 -29.78
C SER C 154 -18.82 -10.92 -28.33
N TYR C 155 -17.71 -10.41 -27.78
CA TYR C 155 -17.39 -10.62 -26.34
C TYR C 155 -18.45 -9.96 -25.46
N ASP C 156 -19.06 -8.89 -25.93
CA ASP C 156 -20.09 -8.21 -25.14
C ASP C 156 -21.34 -9.10 -25.03
N LYS C 157 -21.50 -10.14 -25.86
CA LYS C 157 -22.66 -11.03 -25.69
C LYS C 157 -22.51 -11.81 -24.39
N ILE C 158 -21.27 -11.92 -23.88
CA ILE C 158 -21.01 -12.51 -22.54
C ILE C 158 -21.03 -11.36 -21.53
N PHE C 159 -20.26 -10.30 -21.78
CA PHE C 159 -19.99 -9.29 -20.72
C PHE C 159 -21.27 -8.57 -20.31
N SER C 160 -22.25 -8.42 -21.19
CA SER C 160 -23.51 -7.71 -20.85
C SER C 160 -24.21 -8.41 -19.69
N HIS C 161 -23.93 -9.70 -19.45
CA HIS C 161 -24.63 -10.50 -18.42
C HIS C 161 -23.89 -10.46 -17.08
N LEU C 162 -22.71 -9.82 -16.98
CA LEU C 162 -21.84 -9.89 -15.75
C LEU C 162 -22.60 -9.39 -14.52
N GLN C 163 -23.45 -8.38 -14.67
CA GLN C 163 -24.11 -7.75 -13.50
C GLN C 163 -25.14 -8.72 -12.89
N HIS C 164 -25.48 -9.82 -13.56
CA HIS C 164 -26.41 -10.88 -13.08
C HIS C 164 -25.65 -12.05 -12.45
N VAL C 165 -24.32 -12.03 -12.46
CA VAL C 165 -23.51 -13.13 -11.89
C VAL C 165 -22.46 -12.58 -10.94
N LYS C 166 -22.78 -11.50 -10.21
CA LYS C 166 -21.79 -10.72 -9.41
C LYS C 166 -21.16 -11.62 -8.33
N TYR C 167 -21.92 -12.51 -7.71
CA TYR C 167 -21.45 -13.30 -6.53
C TYR C 167 -21.32 -14.78 -6.85
N LYS C 168 -20.44 -15.45 -6.10
CA LYS C 168 -20.15 -16.89 -6.30
C LYS C 168 -21.47 -17.67 -6.25
N GLY C 169 -21.68 -18.54 -7.24
CA GLY C 169 -22.86 -19.44 -7.30
C GLY C 169 -24.03 -18.85 -8.06
N GLN C 170 -24.01 -17.54 -8.36
CA GLN C 170 -25.04 -16.88 -9.19
C GLN C 170 -24.90 -17.34 -10.66
N GLU C 171 -26.05 -17.46 -11.31
CA GLU C 171 -26.15 -18.00 -12.69
C GLU C 171 -27.10 -17.12 -13.48
N ALA C 172 -26.90 -17.06 -14.78
CA ALA C 172 -27.74 -16.29 -15.72
C ALA C 172 -27.74 -17.06 -17.02
N PHE C 173 -28.76 -16.86 -17.84
CA PHE C 173 -28.87 -17.55 -19.14
C PHE C 173 -28.43 -16.56 -20.19
N VAL C 174 -27.58 -17.01 -21.09
CA VAL C 174 -27.06 -16.21 -22.23
C VAL C 174 -27.64 -16.83 -23.49
N PRO C 175 -28.29 -16.05 -24.38
CA PRO C 175 -28.69 -16.57 -25.68
C PRO C 175 -27.49 -17.09 -26.46
N GLY C 176 -27.70 -18.14 -27.23
CA GLY C 176 -26.67 -18.66 -28.12
C GLY C 176 -26.18 -17.59 -29.09
N PHE C 177 -24.92 -17.68 -29.44
CA PHE C 177 -24.32 -16.89 -30.52
C PHE C 177 -23.21 -17.72 -31.12
N ASN C 178 -22.63 -17.22 -32.20
CA ASN C 178 -21.54 -17.92 -32.90
C ASN C 178 -20.26 -17.77 -32.09
N ILE C 179 -19.86 -18.82 -31.37
CA ILE C 179 -18.62 -18.83 -30.55
C ILE C 179 -17.38 -18.63 -31.42
N GLU C 180 -17.45 -18.92 -32.73
CA GLU C 180 -16.29 -18.70 -33.61
C GLU C 180 -16.01 -17.18 -33.67
N GLU C 181 -16.99 -16.35 -33.33
CA GLU C 181 -16.79 -14.88 -33.33
C GLU C 181 -15.79 -14.48 -32.23
N LEU C 182 -15.59 -15.34 -31.23
CA LEU C 182 -14.61 -15.03 -30.14
C LEU C 182 -13.19 -15.34 -30.61
N LEU C 183 -13.00 -16.06 -31.72
CA LEU C 183 -11.66 -16.49 -32.15
C LEU C 183 -11.03 -15.38 -32.98
N PRO C 184 -9.69 -15.36 -33.02
CA PRO C 184 -8.95 -14.36 -33.78
C PRO C 184 -8.90 -14.70 -35.26
N GLU C 185 -8.22 -13.81 -35.99
CA GLU C 185 -7.89 -13.99 -37.43
CA GLU C 185 -7.90 -14.00 -37.43
C GLU C 185 -6.91 -15.15 -37.57
N ARG C 186 -6.95 -15.86 -38.70
CA ARG C 186 -5.90 -16.84 -39.08
C ARG C 186 -5.72 -17.88 -37.96
N THR C 187 -6.79 -18.54 -37.59
CA THR C 187 -6.79 -19.64 -36.59
C THR C 187 -5.86 -20.78 -37.04
N ALA C 188 -5.47 -20.84 -38.32
CA ALA C 188 -4.48 -21.87 -38.77
C ALA C 188 -3.11 -21.66 -38.11
N GLU C 189 -2.80 -20.44 -37.67
CA GLU C 189 -1.52 -20.07 -37.02
C GLU C 189 -1.70 -20.16 -35.50
N TYR C 190 -1.01 -21.10 -34.91
CA TYR C 190 -1.15 -21.38 -33.47
C TYR C 190 0.10 -22.04 -32.94
N TYR C 191 0.19 -21.94 -31.61
CA TYR C 191 1.17 -22.63 -30.76
C TYR C 191 0.47 -23.85 -30.18
N ARG C 192 1.19 -24.97 -30.07
CA ARG C 192 0.63 -26.23 -29.54
C ARG C 192 1.62 -26.82 -28.56
N TYR C 193 1.17 -27.20 -27.37
CA TYR C 193 2.08 -27.86 -26.41
C TYR C 193 1.26 -28.69 -25.44
N ARG C 194 1.94 -29.60 -24.78
CA ARG C 194 1.35 -30.48 -23.74
C ARG C 194 1.44 -29.80 -22.38
N GLY C 195 0.31 -29.62 -21.72
CA GLY C 195 0.36 -29.00 -20.41
C GLY C 195 -0.72 -29.48 -19.49
N SER C 196 -1.26 -28.54 -18.71
CA SER C 196 -2.10 -28.87 -17.56
C SER C 196 -3.31 -27.94 -17.50
N LEU C 197 -4.24 -28.25 -16.61
CA LEU C 197 -5.18 -27.21 -16.13
C LEU C 197 -4.36 -26.10 -15.50
N THR C 198 -4.71 -24.83 -15.70
CA THR C 198 -4.00 -23.74 -15.02
C THR C 198 -4.64 -23.40 -13.67
N THR C 199 -5.64 -24.17 -13.28
CA THR C 199 -6.26 -24.07 -11.94
C THR C 199 -6.07 -25.42 -11.29
N PRO C 200 -6.21 -25.48 -9.97
CA PRO C 200 -6.44 -26.76 -9.32
C PRO C 200 -7.57 -27.49 -10.03
N PRO C 201 -7.48 -28.83 -10.19
CA PRO C 201 -6.38 -29.61 -9.65
C PRO C 201 -5.11 -29.74 -10.49
N CYS C 202 -4.95 -28.90 -11.50
CA CYS C 202 -3.70 -28.79 -12.28
C CYS C 202 -3.33 -30.10 -12.99
N ASN C 203 -4.30 -30.92 -13.38
CA ASN C 203 -3.97 -32.23 -13.98
C ASN C 203 -3.19 -31.99 -15.26
N PRO C 204 -2.09 -32.74 -15.52
CA PRO C 204 -1.32 -32.59 -16.75
C PRO C 204 -1.93 -33.36 -17.93
N THR C 205 -3.15 -32.97 -18.28
CA THR C 205 -4.03 -33.73 -19.18
C THR C 205 -4.52 -32.87 -20.34
N VAL C 206 -3.93 -31.69 -20.52
CA VAL C 206 -4.45 -30.69 -21.49
C VAL C 206 -3.51 -30.59 -22.71
N LEU C 207 -4.07 -30.75 -23.90
CA LEU C 207 -3.42 -30.37 -25.16
C LEU C 207 -3.81 -28.91 -25.40
N TRP C 208 -2.81 -28.03 -25.29
CA TRP C 208 -2.99 -26.56 -25.44
C TRP C 208 -2.86 -26.16 -26.90
N THR C 209 -3.81 -25.35 -27.35
CA THR C 209 -3.71 -24.60 -28.62
C THR C 209 -3.91 -23.13 -28.30
N VAL C 210 -2.86 -22.36 -28.46
CA VAL C 210 -2.91 -20.89 -28.22
C VAL C 210 -2.82 -20.21 -29.59
N PHE C 211 -3.86 -19.48 -30.00
CA PHE C 211 -3.85 -18.84 -31.33
C PHE C 211 -2.72 -17.80 -31.33
N ARG C 212 -2.06 -17.67 -32.46
CA ARG C 212 -0.93 -16.73 -32.64
C ARG C 212 -1.44 -15.30 -32.48
N ASN C 213 -2.59 -14.99 -33.07
CA ASN C 213 -3.13 -13.62 -33.15
C ASN C 213 -4.08 -13.36 -31.98
N PRO C 214 -3.97 -12.19 -31.31
CA PRO C 214 -4.93 -11.83 -30.27
C PRO C 214 -6.24 -11.32 -30.88
N VAL C 215 -7.27 -11.26 -30.07
CA VAL C 215 -8.48 -10.43 -30.36
C VAL C 215 -8.36 -9.14 -29.53
N GLN C 216 -9.21 -8.19 -29.84
CA GLN C 216 -9.30 -6.96 -29.04
C GLN C 216 -10.65 -6.88 -28.34
N ILE C 217 -10.65 -6.35 -27.14
CA ILE C 217 -11.86 -5.84 -26.43
C ILE C 217 -11.45 -4.48 -25.86
N SER C 218 -12.42 -3.64 -25.57
CA SER C 218 -12.12 -2.24 -25.18
C SER C 218 -11.66 -2.14 -23.73
N GLN C 219 -11.02 -1.04 -23.39
CA GLN C 219 -10.70 -0.68 -22.00
C GLN C 219 -11.97 -0.73 -21.13
N GLU C 220 -13.09 -0.25 -21.64
CA GLU C 220 -14.36 -0.20 -20.90
C GLU C 220 -14.84 -1.63 -20.63
N GLN C 221 -14.69 -2.52 -21.63
CA GLN C 221 -15.05 -3.95 -21.46
C GLN C 221 -14.14 -4.60 -20.41
N LEU C 222 -12.84 -4.36 -20.50
CA LEU C 222 -11.89 -4.94 -19.54
C LEU C 222 -12.20 -4.40 -18.13
N LEU C 223 -12.51 -3.12 -18.01
CA LEU C 223 -12.76 -2.55 -16.67
C LEU C 223 -14.03 -3.14 -16.11
N ALA C 224 -15.06 -3.34 -16.93
CA ALA C 224 -16.32 -3.99 -16.51
C ALA C 224 -15.98 -5.39 -16.01
N LEU C 225 -15.22 -6.17 -16.76
CA LEU C 225 -14.84 -7.56 -16.41
C LEU C 225 -14.10 -7.53 -15.08
N GLU C 226 -13.21 -6.57 -14.91
CA GLU C 226 -12.28 -6.51 -13.77
C GLU C 226 -13.00 -6.07 -12.49
N THR C 227 -14.17 -5.43 -12.60
CA THR C 227 -14.87 -4.79 -11.45
C THR C 227 -16.25 -5.43 -11.21
N ALA C 228 -16.73 -6.31 -12.08
CA ALA C 228 -18.10 -6.87 -11.99
C ALA C 228 -18.21 -7.88 -10.85
N LEU C 229 -17.20 -8.74 -10.65
CA LEU C 229 -17.39 -10.02 -9.95
C LEU C 229 -16.69 -10.05 -8.61
N TYR C 230 -17.30 -10.82 -7.71
CA TYR C 230 -16.69 -11.20 -6.41
C TYR C 230 -16.45 -12.72 -6.37
N CYS C 231 -15.41 -13.12 -5.67
CA CYS C 231 -14.98 -14.54 -5.51
C CYS C 231 -15.88 -15.21 -4.48
N THR C 232 -16.61 -14.39 -3.72
CA THR C 232 -17.32 -14.82 -2.49
C THR C 232 -18.83 -14.90 -2.73
N HIS C 233 -19.48 -15.76 -1.95
CA HIS C 233 -20.95 -15.87 -1.87
C HIS C 233 -21.46 -14.50 -1.42
N MET C 234 -22.65 -14.17 -1.86
CA MET C 234 -23.31 -12.90 -1.56
C MET C 234 -23.30 -12.69 -0.04
N ASP C 235 -23.43 -13.76 0.75
CA ASP C 235 -23.67 -13.64 2.21
C ASP C 235 -22.36 -13.69 3.01
N ASP C 236 -21.20 -13.74 2.35
CA ASP C 236 -19.85 -13.83 2.98
C ASP C 236 -19.53 -12.50 3.68
N PRO C 237 -19.15 -12.50 4.99
CA PRO C 237 -18.78 -11.27 5.68
C PRO C 237 -17.47 -10.61 5.23
N SER C 238 -16.62 -11.38 4.52
CA SER C 238 -15.29 -10.94 4.01
C SER C 238 -15.30 -11.00 2.49
N PRO C 239 -16.06 -10.10 1.81
CA PRO C 239 -16.09 -10.10 0.34
C PRO C 239 -14.70 -9.89 -0.27
N ARG C 240 -14.42 -10.61 -1.35
CA ARG C 240 -13.13 -10.52 -2.08
C ARG C 240 -13.45 -10.31 -3.55
N GLU C 241 -12.90 -9.25 -4.13
CA GLU C 241 -13.02 -8.98 -5.58
C GLU C 241 -12.39 -10.11 -6.40
N MET C 242 -13.03 -10.45 -7.52
CA MET C 242 -12.46 -11.42 -8.47
C MET C 242 -11.57 -10.67 -9.47
N ILE C 243 -10.29 -10.57 -9.12
CA ILE C 243 -9.25 -9.85 -9.88
C ILE C 243 -7.99 -10.75 -9.94
N ASN C 244 -7.16 -10.51 -10.93
CA ASN C 244 -5.84 -11.17 -11.06
C ASN C 244 -6.02 -12.68 -10.91
N ASN C 245 -7.00 -13.24 -11.62
CA ASN C 245 -7.27 -14.70 -11.56
C ASN C 245 -6.50 -15.42 -12.65
N PHE C 246 -5.20 -15.18 -12.74
CA PHE C 246 -4.28 -15.86 -13.67
C PHE C 246 -3.21 -16.50 -12.82
N ARG C 247 -2.69 -17.61 -13.29
CA ARG C 247 -1.48 -18.25 -12.72
C ARG C 247 -0.23 -17.67 -13.36
N GLN C 248 0.84 -17.56 -12.57
CA GLN C 248 2.17 -17.26 -13.11
C GLN C 248 2.59 -18.34 -14.11
N VAL C 249 3.43 -17.96 -15.07
CA VAL C 249 4.02 -18.97 -15.99
C VAL C 249 4.96 -19.96 -15.26
N GLN C 250 5.08 -21.14 -15.84
CA GLN C 250 5.62 -22.37 -15.25
C GLN C 250 6.94 -22.77 -15.94
N LYS C 251 7.77 -23.52 -15.24
CA LYS C 251 9.00 -24.13 -15.84
C LYS C 251 8.60 -25.00 -17.05
N PHE C 252 9.42 -24.99 -18.08
CA PHE C 252 9.19 -25.82 -19.30
C PHE C 252 9.30 -27.32 -19.06
N ASP C 253 10.14 -27.78 -18.14
CA ASP C 253 10.27 -29.23 -17.87
C ASP C 253 10.67 -29.96 -19.17
N GLU C 254 11.55 -29.34 -19.97
CA GLU C 254 12.15 -29.94 -21.20
CA GLU C 254 12.16 -29.91 -21.21
C GLU C 254 11.14 -29.92 -22.36
N ARG C 255 9.98 -29.29 -22.19
CA ARG C 255 8.99 -29.17 -23.29
C ARG C 255 9.45 -28.17 -24.33
N LEU C 256 9.11 -28.43 -25.60
CA LEU C 256 9.09 -27.41 -26.67
C LEU C 256 7.64 -27.04 -26.93
N VAL C 257 7.44 -25.90 -27.56
CA VAL C 257 6.13 -25.45 -28.06
C VAL C 257 6.21 -25.52 -29.58
N TYR C 258 5.31 -26.26 -30.19
CA TYR C 258 5.33 -26.49 -31.65
C TYR C 258 4.45 -25.44 -32.29
N THR C 259 4.88 -24.89 -33.42
CA THR C 259 4.12 -23.84 -34.09
C THR C 259 3.68 -24.29 -35.48
N SER C 260 2.56 -23.77 -35.95
CA SER C 260 2.01 -24.09 -37.28
C SER C 260 2.48 -23.05 -38.29
N PHE C 261 3.33 -22.12 -37.85
CA PHE C 261 3.86 -21.00 -38.66
C PHE C 261 5.36 -20.88 -38.37
N SER C 262 6.11 -20.23 -39.29
CA SER C 262 7.55 -19.94 -39.12
C SER C 262 7.75 -18.48 -38.71
N LYS D 3 14.47 -31.68 1.39
CA LYS D 3 14.89 -31.82 -0.04
C LYS D 3 14.04 -30.89 -0.92
N TRP D 4 14.69 -30.09 -1.75
CA TRP D 4 13.99 -29.19 -2.67
C TRP D 4 14.79 -29.06 -3.96
N THR D 5 14.07 -28.84 -5.07
CA THR D 5 14.66 -28.78 -6.42
C THR D 5 14.01 -27.65 -7.22
N TYR D 6 14.40 -27.51 -8.48
CA TYR D 6 13.72 -26.66 -9.48
C TYR D 6 12.95 -27.48 -10.53
N PHE D 7 12.53 -28.70 -10.23
CA PHE D 7 11.77 -29.57 -11.19
C PHE D 7 10.94 -30.61 -10.44
N GLY D 8 10.35 -31.55 -11.20
CA GLY D 8 9.70 -32.76 -10.65
C GLY D 8 8.83 -32.36 -9.48
N PRO D 9 8.55 -33.27 -8.52
CA PRO D 9 7.61 -33.00 -7.45
C PRO D 9 8.11 -32.18 -6.25
N ASP D 10 9.43 -31.98 -6.13
CA ASP D 10 10.06 -31.19 -5.05
C ASP D 10 10.46 -29.79 -5.56
N GLY D 11 9.88 -29.40 -6.69
CA GLY D 11 10.13 -28.11 -7.38
C GLY D 11 9.40 -26.95 -6.71
N GLU D 12 9.53 -25.76 -7.31
CA GLU D 12 9.19 -24.52 -6.61
C GLU D 12 7.71 -24.47 -6.18
N ASN D 13 6.77 -25.05 -6.93
CA ASN D 13 5.34 -24.99 -6.52
C ASN D 13 5.09 -25.81 -5.23
N SER D 14 6.02 -26.70 -4.87
CA SER D 14 5.91 -27.60 -3.71
C SER D 14 6.76 -27.12 -2.54
N TRP D 15 7.58 -26.08 -2.70
CA TRP D 15 8.45 -25.59 -1.60
C TRP D 15 7.62 -25.25 -0.35
N SER D 16 6.43 -24.69 -0.55
CA SER D 16 5.60 -24.17 0.56
C SER D 16 5.17 -25.31 1.49
N LYS D 17 5.23 -26.55 1.04
CA LYS D 17 4.84 -27.70 1.91
C LYS D 17 5.78 -27.75 3.11
N LYS D 18 7.08 -27.66 2.88
CA LYS D 18 8.11 -27.82 3.94
C LYS D 18 8.60 -26.45 4.42
N TYR D 19 8.47 -25.42 3.58
CA TYR D 19 9.03 -24.08 3.85
C TYR D 19 7.89 -23.07 3.73
N PRO D 20 7.03 -22.91 4.78
CA PRO D 20 5.77 -22.21 4.62
C PRO D 20 5.94 -20.78 4.07
N SER D 21 7.07 -20.13 4.33
CA SER D 21 7.31 -18.73 3.91
C SER D 21 7.31 -18.65 2.40
N CYS D 22 7.55 -19.75 1.71
CA CYS D 22 7.55 -19.77 0.23
C CYS D 22 6.16 -19.49 -0.35
N GLY D 23 5.10 -19.65 0.44
CA GLY D 23 3.70 -19.34 0.08
C GLY D 23 3.21 -18.07 0.78
N GLY D 24 4.11 -17.30 1.38
CA GLY D 24 3.77 -16.15 2.24
C GLY D 24 3.96 -14.82 1.53
N LEU D 25 4.07 -13.76 2.31
CA LEU D 25 4.20 -12.39 1.74
C LEU D 25 5.60 -12.12 1.21
N LEU D 26 5.70 -11.05 0.41
CA LEU D 26 6.96 -10.35 0.04
C LEU D 26 7.87 -11.33 -0.71
N GLN D 27 7.35 -12.22 -1.54
CA GLN D 27 8.19 -13.20 -2.27
C GLN D 27 8.92 -12.53 -3.44
N SER D 28 10.17 -12.96 -3.63
CA SER D 28 11.08 -12.62 -4.74
C SER D 28 11.30 -13.89 -5.55
N PRO D 29 11.74 -13.81 -6.81
CA PRO D 29 12.01 -12.56 -7.51
C PRO D 29 10.74 -11.98 -8.17
N ILE D 30 10.91 -10.85 -8.83
CA ILE D 30 9.80 -10.10 -9.47
C ILE D 30 10.25 -9.58 -10.83
N ASP D 31 9.26 -9.22 -11.64
CA ASP D 31 9.47 -8.45 -12.88
C ASP D 31 9.59 -6.97 -12.53
N LEU D 32 10.63 -6.34 -13.02
CA LEU D 32 10.85 -4.89 -12.83
C LEU D 32 10.39 -4.15 -14.08
N HIS D 33 9.30 -3.41 -14.01
CA HIS D 33 8.70 -2.79 -15.21
C HIS D 33 8.21 -1.41 -14.86
N SER D 34 8.13 -0.53 -15.87
CA SER D 34 8.04 0.94 -15.71
C SER D 34 6.88 1.31 -14.78
N ASP D 35 5.73 0.64 -14.89
CA ASP D 35 4.46 1.00 -14.17
C ASP D 35 4.64 0.90 -12.65
N ILE D 36 5.62 0.15 -12.15
CA ILE D 36 5.75 -0.07 -10.68
C ILE D 36 7.05 0.57 -10.18
N LEU D 37 7.75 1.30 -11.04
CA LEU D 37 9.03 1.96 -10.66
C LEU D 37 8.72 3.35 -10.09
N GLN D 38 9.42 3.74 -9.03
CA GLN D 38 9.28 5.11 -8.47
C GLN D 38 10.64 5.62 -8.02
N TYR D 39 11.07 6.75 -8.57
CA TYR D 39 12.33 7.40 -8.12
C TYR D 39 12.26 7.71 -6.62
N ASP D 40 13.36 7.48 -5.89
CA ASP D 40 13.47 7.62 -4.41
C ASP D 40 14.81 8.30 -4.13
N ALA D 41 14.79 9.55 -3.64
CA ALA D 41 16.04 10.32 -3.37
C ALA D 41 16.84 9.72 -2.22
N SER D 42 16.26 8.85 -1.39
CA SER D 42 16.98 8.22 -0.26
C SER D 42 18.04 7.23 -0.76
N LEU D 43 17.96 6.85 -2.04
CA LEU D 43 18.73 5.74 -2.63
C LEU D 43 20.04 6.30 -3.18
N THR D 44 20.89 6.67 -2.22
CA THR D 44 22.27 7.18 -2.45
C THR D 44 23.18 6.01 -2.82
N PRO D 45 24.42 6.27 -3.30
CA PRO D 45 25.36 5.19 -3.61
C PRO D 45 25.79 4.35 -2.40
N LEU D 46 25.86 3.04 -2.58
CA LEU D 46 26.40 2.13 -1.54
C LEU D 46 27.93 2.13 -1.68
N GLU D 47 28.62 1.87 -0.58
CA GLU D 47 30.07 1.60 -0.58
C GLU D 47 30.31 0.13 -0.27
N PHE D 48 31.21 -0.50 -1.01
CA PHE D 48 31.56 -1.93 -0.83
C PHE D 48 32.89 -1.97 -0.08
N GLN D 49 32.86 -2.46 1.16
CA GLN D 49 33.99 -2.41 2.13
C GLN D 49 34.61 -3.80 2.29
N GLY D 50 35.95 -3.87 2.26
CA GLY D 50 36.68 -5.13 2.43
C GLY D 50 36.32 -6.14 1.35
N TYR D 51 36.01 -5.66 0.14
CA TYR D 51 35.60 -6.51 -1.02
C TYR D 51 36.88 -7.06 -1.66
N ASN D 52 37.99 -6.35 -1.50
CA ASN D 52 39.31 -6.78 -2.04
C ASN D 52 39.85 -7.85 -1.10
N LEU D 53 39.56 -9.12 -1.39
CA LEU D 53 39.94 -10.23 -0.49
C LEU D 53 41.45 -10.45 -0.63
N SER D 54 42.12 -10.61 0.51
CA SER D 54 43.58 -10.94 0.62
C SER D 54 44.09 -11.46 -0.73
N ALA D 55 44.68 -10.58 -1.53
CA ALA D 55 45.05 -10.82 -2.96
C ALA D 55 45.70 -12.19 -3.13
N ASN D 56 46.32 -12.73 -2.07
CA ASN D 56 46.94 -14.09 -2.06
C ASN D 56 46.31 -14.96 -0.95
N LYS D 57 44.99 -14.86 -0.74
CA LYS D 57 44.22 -15.71 0.24
C LYS D 57 43.12 -16.49 -0.49
N GLN D 58 42.47 -17.45 0.20
CA GLN D 58 41.60 -18.48 -0.45
C GLN D 58 40.29 -18.74 0.30
N PHE D 59 39.23 -19.08 -0.45
CA PHE D 59 37.80 -19.09 0.02
C PHE D 59 37.05 -20.30 -0.53
N LEU D 60 36.23 -20.95 0.32
CA LEU D 60 35.58 -22.25 0.02
C LEU D 60 34.50 -22.06 -1.05
N LEU D 61 34.69 -22.73 -2.19
CA LEU D 61 33.70 -22.84 -3.30
C LEU D 61 33.01 -24.19 -3.15
N THR D 62 31.69 -24.19 -3.17
CA THR D 62 30.89 -25.39 -2.85
C THR D 62 29.83 -25.55 -3.94
N ASN D 63 29.67 -26.79 -4.39
CA ASN D 63 28.43 -27.22 -5.07
C ASN D 63 27.51 -27.71 -3.97
N ASN D 64 26.45 -26.95 -3.64
CA ASN D 64 25.53 -27.34 -2.54
C ASN D 64 24.32 -28.08 -3.13
N GLY D 65 24.38 -28.48 -4.40
CA GLY D 65 23.27 -29.20 -5.06
C GLY D 65 22.19 -28.28 -5.60
N HIS D 66 22.31 -26.98 -5.34
CA HIS D 66 21.32 -25.95 -5.79
C HIS D 66 22.01 -24.88 -6.62
N SER D 67 23.29 -24.58 -6.35
CA SER D 67 24.07 -23.55 -7.04
C SER D 67 25.56 -23.84 -6.82
N VAL D 68 26.41 -23.02 -7.39
CA VAL D 68 27.83 -22.89 -6.95
C VAL D 68 27.90 -21.68 -6.02
N LYS D 69 28.39 -21.91 -4.81
CA LYS D 69 28.48 -20.84 -3.78
C LYS D 69 29.94 -20.65 -3.39
N LEU D 70 30.42 -19.40 -3.46
CA LEU D 70 31.70 -18.93 -2.83
C LEU D 70 31.44 -18.36 -1.43
N ASN D 71 32.03 -19.00 -0.40
CA ASN D 71 32.01 -18.50 1.01
C ASN D 71 32.73 -17.15 1.07
N LEU D 72 32.20 -16.20 1.84
CA LEU D 72 32.77 -14.82 1.94
C LEU D 72 32.99 -14.50 3.42
N PRO D 73 34.01 -13.65 3.77
CA PRO D 73 34.37 -13.37 5.16
C PRO D 73 33.57 -12.19 5.77
N SER D 74 33.17 -12.30 7.03
CA SER D 74 32.20 -11.39 7.72
C SER D 74 32.76 -9.98 7.94
N ASP D 75 34.07 -9.75 7.78
CA ASP D 75 34.65 -8.37 7.80
C ASP D 75 34.35 -7.70 6.45
N MET D 76 33.83 -8.43 5.48
CA MET D 76 33.42 -7.86 4.16
C MET D 76 31.97 -7.28 4.30
N HIS D 77 31.70 -6.07 3.82
CA HIS D 77 30.41 -5.39 4.12
C HIS D 77 29.93 -4.23 3.27
N ILE D 78 28.62 -3.95 3.38
CA ILE D 78 28.07 -2.86 2.64
C ILE D 78 27.92 -1.65 3.52
N GLN D 79 28.36 -0.50 3.08
CA GLN D 79 28.22 0.74 3.81
C GLN D 79 27.28 1.63 3.00
N GLY D 80 26.35 2.28 3.66
CA GLY D 80 25.38 3.09 3.00
C GLY D 80 23.94 2.70 3.33
N LEU D 81 23.72 1.61 4.02
CA LEU D 81 22.36 1.23 4.38
C LEU D 81 22.09 1.64 5.85
N GLN D 82 20.88 1.50 6.34
CA GLN D 82 20.61 1.95 7.67
C GLN D 82 21.32 1.14 8.74
N SER D 83 21.65 -0.10 8.43
CA SER D 83 22.48 -0.98 9.29
C SER D 83 23.69 -1.43 8.46
N ARG D 84 24.71 -1.95 9.13
CA ARG D 84 25.77 -2.65 8.38
C ARG D 84 25.32 -4.07 8.07
N TYR D 85 25.51 -4.41 6.81
CA TYR D 85 25.30 -5.76 6.26
C TYR D 85 26.67 -6.33 5.87
N SER D 86 27.05 -7.43 6.50
CA SER D 86 28.32 -8.15 6.27
C SER D 86 28.09 -9.37 5.37
N ALA D 87 29.04 -9.67 4.50
CA ALA D 87 28.99 -10.78 3.51
C ALA D 87 28.97 -12.14 4.20
N THR D 88 28.27 -13.10 3.60
CA THR D 88 28.30 -14.52 4.01
C THR D 88 28.71 -15.37 2.81
N GLN D 89 28.18 -15.10 1.62
CA GLN D 89 28.45 -15.95 0.42
C GLN D 89 27.91 -15.26 -0.82
N LEU D 90 28.42 -15.67 -1.98
CA LEU D 90 27.78 -15.33 -3.26
C LEU D 90 27.54 -16.61 -4.07
N HIS D 91 26.58 -16.55 -4.97
CA HIS D 91 26.17 -17.71 -5.79
C HIS D 91 25.49 -17.20 -7.04
N LEU D 92 25.14 -18.11 -7.96
CA LEU D 92 24.56 -17.73 -9.27
C LEU D 92 23.31 -18.54 -9.58
N HIS D 93 22.53 -17.99 -10.50
CA HIS D 93 21.35 -18.63 -11.12
C HIS D 93 21.46 -18.56 -12.63
N TRP D 94 21.15 -19.65 -13.33
CA TRP D 94 21.28 -19.70 -14.79
C TRP D 94 20.21 -20.60 -15.40
N GLY D 95 20.18 -20.63 -16.72
CA GLY D 95 19.21 -21.42 -17.49
C GLY D 95 19.82 -22.69 -18.03
N ASN D 96 19.74 -22.87 -19.34
CA ASN D 96 20.27 -24.09 -20.01
C ASN D 96 20.67 -23.72 -21.42
N PRO D 97 21.54 -24.52 -22.08
CA PRO D 97 22.01 -24.17 -23.43
C PRO D 97 20.92 -23.91 -24.47
N ASN D 98 19.79 -24.60 -24.33
CA ASN D 98 18.65 -24.51 -25.29
C ASN D 98 17.87 -23.23 -25.02
N ASP D 99 17.86 -22.76 -23.77
CA ASP D 99 17.10 -21.56 -23.33
C ASP D 99 17.97 -20.78 -22.34
N PRO D 100 18.97 -20.03 -22.85
CA PRO D 100 20.02 -19.41 -22.03
C PRO D 100 19.55 -18.07 -21.44
N HIS D 101 18.46 -18.13 -20.70
CA HIS D 101 17.76 -16.97 -20.08
C HIS D 101 17.32 -17.37 -18.67
N GLY D 102 18.24 -17.33 -17.71
CA GLY D 102 17.98 -17.91 -16.40
C GLY D 102 18.27 -16.94 -15.26
N SER D 103 18.19 -15.63 -15.51
CA SER D 103 18.10 -14.64 -14.40
C SER D 103 16.84 -14.92 -13.57
N GLU D 104 16.82 -14.45 -12.32
CA GLU D 104 15.62 -14.60 -11.47
C GLU D 104 14.76 -13.36 -11.66
N HIS D 105 15.33 -12.18 -11.47
CA HIS D 105 14.66 -10.91 -11.79
C HIS D 105 14.58 -10.77 -13.31
N THR D 106 13.49 -10.22 -13.77
CA THR D 106 13.30 -9.85 -15.18
C THR D 106 13.09 -8.35 -15.23
N VAL D 107 13.36 -7.78 -16.40
CA VAL D 107 13.14 -6.35 -16.66
C VAL D 107 12.21 -6.23 -17.88
N SER D 108 11.03 -5.63 -17.68
CA SER D 108 9.99 -5.51 -18.73
C SER D 108 9.71 -6.90 -19.33
N GLY D 109 9.65 -7.91 -18.47
CA GLY D 109 9.31 -9.27 -18.90
C GLY D 109 10.49 -10.09 -19.39
N GLN D 110 11.68 -9.49 -19.58
CA GLN D 110 12.86 -10.14 -20.21
C GLN D 110 13.77 -10.73 -19.14
N HIS D 111 14.11 -12.02 -19.29
CA HIS D 111 15.20 -12.63 -18.49
C HIS D 111 16.53 -12.16 -19.08
N PHE D 112 17.52 -12.03 -18.23
CA PHE D 112 18.94 -11.98 -18.61
C PHE D 112 19.45 -13.42 -18.61
N ALA D 113 20.65 -13.64 -19.14
CA ALA D 113 21.27 -14.99 -19.22
C ALA D 113 21.38 -15.63 -17.84
N ALA D 114 21.79 -14.85 -16.86
CA ALA D 114 22.15 -15.35 -15.53
C ALA D 114 22.08 -14.21 -14.51
N GLU D 115 22.22 -14.55 -13.25
CA GLU D 115 22.15 -13.57 -12.17
C GLU D 115 23.08 -14.03 -11.05
N LEU D 116 23.88 -13.09 -10.55
CA LEU D 116 24.80 -13.25 -9.43
C LEU D 116 24.19 -12.61 -8.20
N HIS D 117 24.18 -13.30 -7.08
CA HIS D 117 23.68 -12.78 -5.79
C HIS D 117 24.85 -12.70 -4.81
N ILE D 118 25.09 -11.53 -4.21
CA ILE D 118 26.05 -11.43 -3.05
C ILE D 118 25.25 -11.27 -1.75
N VAL D 119 25.15 -12.31 -0.95
CA VAL D 119 24.28 -12.38 0.25
C VAL D 119 25.02 -11.77 1.45
N HIS D 120 24.37 -10.81 2.10
CA HIS D 120 24.87 -10.12 3.33
C HIS D 120 23.83 -10.28 4.46
N TYR D 121 24.27 -10.22 5.72
CA TYR D 121 23.38 -10.36 6.89
C TYR D 121 23.57 -9.14 7.77
N ASN D 122 22.53 -8.81 8.53
CA ASN D 122 22.53 -7.64 9.45
C ASN D 122 23.39 -7.99 10.67
N SER D 123 24.65 -7.57 10.64
CA SER D 123 25.66 -7.93 11.68
C SER D 123 25.51 -7.00 12.89
N ASP D 124 24.81 -5.88 12.73
CA ASP D 124 24.46 -4.95 13.86
C ASP D 124 23.46 -5.62 14.80
N LEU D 125 22.56 -6.45 14.28
CA LEU D 125 21.49 -7.10 15.07
C LEU D 125 21.85 -8.55 15.39
N TYR D 126 22.61 -9.22 14.51
CA TYR D 126 22.68 -10.71 14.50
C TYR D 126 24.11 -11.23 14.39
N PRO D 127 24.41 -12.37 15.06
CA PRO D 127 25.75 -12.96 15.05
C PRO D 127 26.20 -13.61 13.73
N ASP D 128 25.26 -14.10 12.92
CA ASP D 128 25.56 -14.89 11.69
C ASP D 128 24.36 -14.85 10.74
N ALA D 129 24.57 -15.21 9.47
CA ALA D 129 23.56 -15.13 8.39
C ALA D 129 22.39 -16.06 8.71
N SER D 130 22.69 -17.23 9.27
CA SER D 130 21.73 -18.28 9.68
C SER D 130 20.75 -17.72 10.71
N THR D 131 21.24 -17.08 11.79
CA THR D 131 20.39 -16.47 12.85
C THR D 131 19.59 -15.32 12.24
N ALA D 132 20.22 -14.53 11.37
CA ALA D 132 19.63 -13.34 10.72
C ALA D 132 18.51 -13.72 9.73
N SER D 133 18.59 -14.90 9.11
CA SER D 133 17.87 -15.22 7.85
C SER D 133 16.36 -15.22 8.06
N ASN D 134 15.88 -15.55 9.27
CA ASN D 134 14.44 -15.65 9.56
C ASN D 134 14.01 -14.48 10.47
N LYS D 135 14.80 -13.41 10.52
CA LYS D 135 14.59 -12.30 11.47
C LYS D 135 14.44 -10.98 10.72
N SER D 136 13.70 -10.07 11.35
CA SER D 136 13.44 -8.71 10.82
C SER D 136 14.76 -8.08 10.37
N GLU D 137 14.76 -7.53 9.15
CA GLU D 137 15.89 -6.78 8.53
C GLU D 137 17.14 -7.67 8.47
N GLY D 138 16.95 -8.98 8.30
CA GLY D 138 18.04 -9.96 8.48
C GLY D 138 19.07 -9.89 7.37
N LEU D 139 18.65 -9.75 6.11
CA LEU D 139 19.54 -9.96 4.94
C LEU D 139 19.49 -8.78 3.97
N ALA D 140 20.54 -8.63 3.19
CA ALA D 140 20.60 -7.71 2.04
C ALA D 140 21.34 -8.44 0.94
N VAL D 141 20.77 -8.44 -0.25
CA VAL D 141 21.42 -9.08 -1.42
C VAL D 141 21.74 -8.02 -2.45
N LEU D 142 22.92 -8.10 -3.03
CA LEU D 142 23.27 -7.37 -4.24
C LEU D 142 23.06 -8.32 -5.41
N ALA D 143 22.25 -7.93 -6.38
CA ALA D 143 21.92 -8.72 -7.59
C ALA D 143 22.55 -8.06 -8.80
N VAL D 144 23.30 -8.86 -9.56
CA VAL D 144 23.89 -8.42 -10.85
C VAL D 144 23.27 -9.25 -11.97
N LEU D 145 22.70 -8.58 -12.97
CA LEU D 145 22.13 -9.23 -14.16
C LEU D 145 23.30 -9.53 -15.09
N ILE D 146 23.28 -10.71 -15.70
CA ILE D 146 24.39 -11.19 -16.57
C ILE D 146 23.82 -11.45 -17.95
N GLU D 147 24.47 -10.90 -18.97
CA GLU D 147 24.13 -11.14 -20.39
C GLU D 147 25.39 -11.62 -21.14
N MET D 148 25.18 -12.30 -22.25
CA MET D 148 26.28 -12.77 -23.13
C MET D 148 26.94 -11.53 -23.76
N GLY D 149 28.27 -11.45 -23.71
CA GLY D 149 29.07 -10.42 -24.41
C GLY D 149 30.53 -10.82 -24.49
N SER D 150 31.44 -9.90 -24.17
CA SER D 150 32.90 -10.15 -24.17
C SER D 150 33.30 -10.96 -22.92
N PHE D 151 34.51 -11.52 -22.93
CA PHE D 151 35.10 -12.38 -21.88
C PHE D 151 35.26 -11.54 -20.61
N ASN D 152 35.00 -12.13 -19.44
CA ASN D 152 35.08 -11.44 -18.13
C ASN D 152 36.11 -12.12 -17.25
N PRO D 153 37.35 -11.58 -17.17
CA PRO D 153 38.43 -12.23 -16.41
C PRO D 153 38.06 -12.36 -14.92
N SER D 154 37.31 -11.38 -14.42
CA SER D 154 36.79 -11.34 -13.03
C SER D 154 35.89 -12.55 -12.78
N TYR D 155 34.88 -12.79 -13.63
CA TYR D 155 33.94 -13.93 -13.48
C TYR D 155 34.71 -15.26 -13.64
N ASP D 156 35.76 -15.25 -14.47
CA ASP D 156 36.58 -16.47 -14.70
C ASP D 156 37.35 -16.87 -13.44
N LYS D 157 37.56 -15.98 -12.48
CA LYS D 157 38.21 -16.33 -11.19
C LYS D 157 37.32 -17.32 -10.43
N ILE D 158 36.01 -17.37 -10.76
CA ILE D 158 35.09 -18.42 -10.23
C ILE D 158 34.98 -19.56 -11.25
N PHE D 159 34.74 -19.24 -12.53
CA PHE D 159 34.29 -20.21 -13.56
C PHE D 159 35.39 -21.23 -13.86
N SER D 160 36.65 -20.80 -13.73
CA SER D 160 37.85 -21.66 -13.97
C SER D 160 37.91 -22.82 -12.95
N HIS D 161 37.08 -22.83 -11.91
CA HIS D 161 37.10 -23.90 -10.87
C HIS D 161 35.88 -24.82 -10.93
N LEU D 162 34.95 -24.62 -11.89
CA LEU D 162 33.66 -25.34 -11.95
C LEU D 162 33.88 -26.86 -12.00
N GLN D 163 34.93 -27.33 -12.69
CA GLN D 163 35.17 -28.79 -12.90
C GLN D 163 35.67 -29.44 -11.60
N HIS D 164 36.04 -28.67 -10.56
CA HIS D 164 36.42 -29.21 -9.23
C HIS D 164 35.21 -29.41 -8.32
N VAL D 165 34.04 -28.87 -8.67
CA VAL D 165 32.84 -28.98 -7.79
C VAL D 165 31.65 -29.48 -8.63
N LYS D 166 31.90 -30.43 -9.53
CA LYS D 166 30.88 -30.91 -10.49
C LYS D 166 29.69 -31.51 -9.74
N TYR D 167 29.92 -32.13 -8.59
CA TYR D 167 28.89 -32.96 -7.91
C TYR D 167 28.53 -32.35 -6.56
N LYS D 168 27.29 -32.57 -6.14
CA LYS D 168 26.77 -32.10 -4.84
C LYS D 168 27.77 -32.44 -3.71
N GLY D 169 28.13 -31.42 -2.92
CA GLY D 169 28.94 -31.55 -1.70
C GLY D 169 30.41 -31.41 -1.98
N GLN D 170 30.82 -31.35 -3.24
CA GLN D 170 32.24 -31.17 -3.59
C GLN D 170 32.64 -29.74 -3.25
N GLU D 171 33.91 -29.54 -2.89
CA GLU D 171 34.46 -28.23 -2.44
C GLU D 171 35.80 -27.98 -3.10
N ALA D 172 36.14 -26.71 -3.34
CA ALA D 172 37.44 -26.26 -3.89
C ALA D 172 37.79 -24.87 -3.37
N PHE D 173 39.03 -24.67 -2.93
CA PHE D 173 39.52 -23.36 -2.43
C PHE D 173 39.90 -22.51 -3.65
N VAL D 174 39.31 -21.32 -3.68
CA VAL D 174 39.40 -20.32 -4.76
C VAL D 174 40.35 -19.26 -4.24
N PRO D 175 41.31 -18.79 -5.05
CA PRO D 175 42.15 -17.71 -4.60
C PRO D 175 41.31 -16.43 -4.51
N GLY D 176 41.37 -15.78 -3.34
CA GLY D 176 40.70 -14.51 -3.05
C GLY D 176 41.12 -13.42 -4.02
N PHE D 177 40.13 -12.76 -4.62
CA PHE D 177 40.28 -11.62 -5.56
C PHE D 177 39.36 -10.50 -5.08
N ASN D 178 39.22 -9.45 -5.89
CA ASN D 178 38.44 -8.25 -5.54
C ASN D 178 36.99 -8.50 -5.95
N ILE D 179 36.11 -8.79 -4.99
CA ILE D 179 34.70 -9.18 -5.29
C ILE D 179 33.99 -7.99 -5.96
N GLU D 180 34.46 -6.77 -5.72
CA GLU D 180 33.87 -5.57 -6.40
C GLU D 180 34.04 -5.67 -7.92
N GLU D 181 34.94 -6.50 -8.43
CA GLU D 181 35.16 -6.67 -9.91
C GLU D 181 33.93 -7.36 -10.56
N LEU D 182 33.18 -8.15 -9.80
CA LEU D 182 31.95 -8.86 -10.26
C LEU D 182 30.77 -7.88 -10.45
N LEU D 183 30.89 -6.67 -9.89
CA LEU D 183 29.80 -5.66 -9.92
C LEU D 183 29.86 -4.93 -11.26
N PRO D 184 28.70 -4.42 -11.71
CA PRO D 184 28.62 -3.70 -12.98
C PRO D 184 29.03 -2.23 -12.88
N GLU D 185 29.02 -1.56 -14.04
CA GLU D 185 29.25 -0.11 -14.16
C GLU D 185 28.11 0.66 -13.50
N ARG D 186 28.39 1.89 -13.10
CA ARG D 186 27.43 2.84 -12.49
C ARG D 186 26.58 2.09 -11.46
N THR D 187 27.23 1.52 -10.45
CA THR D 187 26.53 0.85 -9.31
C THR D 187 25.59 1.84 -8.61
N ALA D 188 25.68 3.15 -8.87
CA ALA D 188 24.81 4.16 -8.23
C ALA D 188 23.36 4.00 -8.73
N GLU D 189 23.19 3.31 -9.87
CA GLU D 189 21.89 3.07 -10.55
C GLU D 189 21.39 1.68 -10.15
N TYR D 190 20.33 1.64 -9.35
CA TYR D 190 19.80 0.34 -8.85
C TYR D 190 18.31 0.45 -8.57
N TYR D 191 17.69 -0.73 -8.56
CA TYR D 191 16.30 -0.94 -8.10
C TYR D 191 16.36 -1.43 -6.66
N ARG D 192 15.43 -1.01 -5.81
CA ARG D 192 15.40 -1.41 -4.39
C ARG D 192 13.98 -1.82 -4.04
N TYR D 193 13.83 -2.95 -3.38
CA TYR D 193 12.53 -3.36 -2.80
C TYR D 193 12.77 -4.34 -1.68
N ARG D 194 11.79 -4.45 -0.79
CA ARG D 194 11.79 -5.46 0.29
C ARG D 194 11.22 -6.75 -0.26
N GLY D 195 11.98 -7.84 -0.15
CA GLY D 195 11.45 -9.14 -0.58
C GLY D 195 11.97 -10.29 0.23
N SER D 196 12.26 -11.39 -0.46
CA SER D 196 12.49 -12.68 0.22
C SER D 196 13.73 -13.36 -0.34
N LEU D 197 14.21 -14.36 0.38
CA LEU D 197 15.10 -15.36 -0.27
C LEU D 197 14.33 -15.89 -1.49
N THR D 198 15.02 -16.11 -2.60
CA THR D 198 14.41 -16.78 -3.79
C THR D 198 14.50 -18.30 -3.70
N THR D 199 15.16 -18.82 -2.66
CA THR D 199 15.25 -20.26 -2.34
C THR D 199 14.58 -20.51 -1.02
N PRO D 200 14.17 -21.77 -0.76
CA PRO D 200 13.81 -22.16 0.60
C PRO D 200 14.88 -21.67 1.54
N PRO D 201 14.52 -21.23 2.77
CA PRO D 201 13.14 -21.20 3.24
C PRO D 201 12.26 -19.98 2.86
N CYS D 202 12.71 -19.13 1.95
CA CYS D 202 11.92 -18.05 1.32
C CYS D 202 11.56 -16.98 2.35
N ASN D 203 12.36 -16.81 3.40
CA ASN D 203 11.98 -15.83 4.45
C ASN D 203 11.86 -14.44 3.83
N PRO D 204 10.83 -13.67 4.24
CA PRO D 204 10.59 -12.32 3.72
C PRO D 204 11.44 -11.26 4.42
N THR D 205 12.75 -11.48 4.36
CA THR D 205 13.74 -10.82 5.25
C THR D 205 14.84 -10.19 4.43
N VAL D 206 14.67 -10.05 3.10
CA VAL D 206 15.75 -9.57 2.21
C VAL D 206 15.49 -8.16 1.72
N LEU D 207 16.45 -7.26 1.95
CA LEU D 207 16.50 -5.96 1.25
C LEU D 207 17.20 -6.18 -0.09
N TRP D 208 16.44 -6.09 -1.18
CA TRP D 208 16.99 -6.34 -2.55
C TRP D 208 17.58 -5.07 -3.12
N THR D 209 18.79 -5.17 -3.66
CA THR D 209 19.39 -4.15 -4.52
C THR D 209 19.74 -4.83 -5.83
N VAL D 210 19.01 -4.52 -6.90
CA VAL D 210 19.29 -5.06 -8.25
C VAL D 210 19.93 -3.94 -9.05
N PHE D 211 21.19 -4.11 -9.44
CA PHE D 211 21.87 -3.06 -10.23
C PHE D 211 21.17 -2.94 -11.58
N ARG D 212 21.02 -1.71 -12.06
CA ARG D 212 20.29 -1.42 -13.29
C ARG D 212 21.02 -2.01 -14.50
N ASN D 213 22.36 -1.90 -14.50
CA ASN D 213 23.20 -2.26 -15.66
C ASN D 213 23.71 -3.70 -15.48
N PRO D 214 23.62 -4.52 -16.53
CA PRO D 214 24.15 -5.88 -16.48
C PRO D 214 25.67 -5.93 -16.68
N VAL D 215 26.26 -7.05 -16.31
CA VAL D 215 27.64 -7.41 -16.73
C VAL D 215 27.54 -8.36 -17.93
N GLN D 216 28.68 -8.54 -18.60
CA GLN D 216 28.85 -9.42 -19.78
C GLN D 216 29.77 -10.57 -19.39
N ILE D 217 29.42 -11.77 -19.83
CA ILE D 217 30.35 -12.93 -19.84
C ILE D 217 30.31 -13.53 -21.25
N SER D 218 31.40 -14.18 -21.68
CA SER D 218 31.49 -14.75 -23.05
C SER D 218 30.45 -15.85 -23.15
N GLN D 219 29.99 -16.16 -24.37
CA GLN D 219 29.16 -17.35 -24.63
C GLN D 219 29.88 -18.59 -24.07
N GLU D 220 31.22 -18.65 -24.12
CA GLU D 220 31.99 -19.82 -23.63
C GLU D 220 31.81 -19.91 -22.12
N GLN D 221 31.94 -18.78 -21.42
CA GLN D 221 31.74 -18.65 -19.95
C GLN D 221 30.32 -19.10 -19.60
N LEU D 222 29.31 -18.61 -20.34
CA LEU D 222 27.88 -18.95 -20.07
C LEU D 222 27.66 -20.45 -20.28
N LEU D 223 28.16 -21.01 -21.39
CA LEU D 223 28.02 -22.46 -21.65
C LEU D 223 28.69 -23.29 -20.55
N ALA D 224 29.87 -22.87 -20.11
CA ALA D 224 30.63 -23.55 -19.04
C ALA D 224 29.75 -23.59 -17.79
N LEU D 225 29.17 -22.45 -17.43
CA LEU D 225 28.31 -22.33 -16.21
C LEU D 225 27.14 -23.32 -16.32
N GLU D 226 26.51 -23.35 -17.49
CA GLU D 226 25.25 -24.10 -17.74
C GLU D 226 25.49 -25.62 -17.81
N THR D 227 26.73 -26.06 -18.04
CA THR D 227 27.02 -27.47 -18.40
C THR D 227 28.00 -28.16 -17.44
N ALA D 228 28.67 -27.43 -16.54
CA ALA D 228 29.73 -27.98 -15.66
C ALA D 228 29.12 -28.79 -14.51
N LEU D 229 27.95 -28.44 -13.98
CA LEU D 229 27.55 -28.92 -12.64
C LEU D 229 26.38 -29.87 -12.68
N TYR D 230 26.34 -30.73 -11.68
CA TYR D 230 25.26 -31.69 -11.39
C TYR D 230 24.69 -31.35 -10.01
N CYS D 231 23.39 -31.58 -9.84
CA CYS D 231 22.67 -31.42 -8.56
C CYS D 231 22.95 -32.60 -7.65
N THR D 232 23.47 -33.69 -8.22
CA THR D 232 23.55 -35.03 -7.59
C THR D 232 24.98 -35.33 -7.14
N HIS D 233 25.14 -36.29 -6.22
CA HIS D 233 26.46 -36.75 -5.72
C HIS D 233 27.21 -37.49 -6.85
N MET D 234 28.54 -37.47 -6.77
CA MET D 234 29.51 -38.05 -7.74
C MET D 234 29.15 -39.48 -8.15
N ASP D 235 28.59 -40.27 -7.22
CA ASP D 235 28.32 -41.71 -7.45
C ASP D 235 26.81 -41.96 -7.57
N ASP D 236 26.01 -40.93 -7.87
CA ASP D 236 24.56 -41.08 -8.17
C ASP D 236 24.44 -41.79 -9.52
N PRO D 237 23.74 -42.94 -9.60
CA PRO D 237 23.60 -43.68 -10.86
C PRO D 237 22.79 -42.91 -11.92
N SER D 238 21.90 -42.01 -11.46
CA SER D 238 21.05 -41.12 -12.30
C SER D 238 21.48 -39.67 -12.10
N PRO D 239 22.55 -39.21 -12.79
CA PRO D 239 23.04 -37.85 -12.63
C PRO D 239 22.02 -36.89 -13.24
N ARG D 240 21.80 -35.74 -12.61
CA ARG D 240 20.93 -34.67 -13.16
C ARG D 240 21.76 -33.39 -13.26
N GLU D 241 21.73 -32.74 -14.42
CA GLU D 241 22.47 -31.48 -14.66
C GLU D 241 21.87 -30.40 -13.76
N MET D 242 22.75 -29.53 -13.26
CA MET D 242 22.35 -28.30 -12.53
C MET D 242 22.10 -27.21 -13.57
N ILE D 243 20.84 -27.13 -13.98
CA ILE D 243 20.34 -26.16 -14.98
C ILE D 243 19.04 -25.57 -14.45
N ASN D 244 18.68 -24.41 -14.99
CA ASN D 244 17.35 -23.78 -14.74
C ASN D 244 17.13 -23.60 -13.23
N ASN D 245 18.18 -23.21 -12.52
CA ASN D 245 18.13 -23.08 -11.05
C ASN D 245 17.74 -21.65 -10.64
N PHE D 246 16.63 -21.18 -11.19
CA PHE D 246 16.06 -19.84 -10.93
C PHE D 246 14.59 -20.03 -10.60
N ARG D 247 14.08 -19.22 -9.69
CA ARG D 247 12.63 -19.22 -9.36
C ARG D 247 11.87 -18.38 -10.38
N GLN D 248 10.66 -18.82 -10.73
CA GLN D 248 9.76 -18.03 -11.57
C GLN D 248 9.49 -16.70 -10.85
N VAL D 249 9.18 -15.65 -11.59
CA VAL D 249 8.77 -14.38 -10.92
C VAL D 249 7.45 -14.55 -10.17
N GLN D 250 7.34 -13.78 -9.09
CA GLN D 250 6.18 -13.83 -8.16
C GLN D 250 5.24 -12.69 -8.49
N LYS D 251 3.97 -12.83 -8.13
CA LYS D 251 3.06 -11.68 -8.18
C LYS D 251 3.61 -10.60 -7.23
N PHE D 252 3.37 -9.36 -7.60
CA PHE D 252 3.79 -8.16 -6.88
C PHE D 252 2.70 -7.12 -7.08
N ASP D 253 1.67 -7.17 -6.25
CA ASP D 253 0.43 -6.36 -6.42
C ASP D 253 0.45 -5.20 -5.42
N GLU D 254 0.13 -4.00 -5.90
CA GLU D 254 -0.12 -2.80 -5.07
C GLU D 254 1.19 -2.41 -4.38
N ARG D 255 2.32 -2.67 -5.03
CA ARG D 255 3.65 -2.37 -4.44
C ARG D 255 4.53 -1.68 -5.46
N LEU D 256 5.55 -0.97 -4.97
CA LEU D 256 6.47 -0.23 -5.86
C LEU D 256 7.88 -0.82 -5.74
N VAL D 257 8.65 -0.64 -6.81
CA VAL D 257 10.12 -0.83 -6.79
C VAL D 257 10.71 0.57 -6.84
N TYR D 258 11.56 0.91 -5.88
CA TYR D 258 12.16 2.26 -5.79
C TYR D 258 13.43 2.25 -6.64
N THR D 259 13.66 3.33 -7.39
CA THR D 259 14.86 3.45 -8.24
C THR D 259 15.71 4.60 -7.74
N SER D 260 17.03 4.37 -7.73
CA SER D 260 18.04 5.42 -7.41
C SER D 260 18.22 6.33 -8.63
N PHE D 261 17.63 5.98 -9.78
CA PHE D 261 17.71 6.74 -11.05
C PHE D 261 16.32 7.23 -11.46
N SER D 262 16.27 8.34 -12.20
CA SER D 262 15.06 8.78 -12.95
C SER D 262 15.09 8.23 -14.39
ZN ZN E . 7.31 18.33 21.75
O29 J92 F . 5.00 10.94 29.75
C28 J92 F . 5.77 10.68 28.83
O30 J92 F . 5.98 9.26 28.48
C31 J92 F . 5.67 8.19 29.39
C27 J92 F . 6.47 11.84 28.09
C26 J92 F . 7.33 11.40 26.92
C25 J92 F . 7.61 12.43 25.80
N23 J92 F . 7.26 13.79 26.13
C21 J92 F . 8.16 14.71 26.33
O22 J92 F . 9.37 14.45 26.23
C11 J92 F . 7.66 16.09 26.59
C12 J92 F . 7.10 16.81 25.52
C7 J92 F . 6.63 18.11 25.66
S4 J92 F . 6.06 19.03 24.39
O5 J92 F . 4.72 19.55 24.74
O6 J92 F . 7.05 20.05 24.19
N1 J92 F . 6.02 18.06 23.19
C10 J92 F . 7.83 16.69 27.89
C9 J92 F . 7.38 17.95 28.09
C8 J92 F . 6.82 18.67 27.02
CL1 J92 F . 6.32 20.29 27.41
S14 J92 F . 8.57 15.67 29.10
C15 J92 F . 7.93 16.12 30.65
C20 J92 F . 6.74 15.18 30.86
C19 J92 F . 6.14 15.25 32.25
C18 J92 F . 7.23 15.14 33.32
C17 J92 F . 8.36 16.14 33.08
C16 J92 F . 8.97 15.87 31.74
ZN ZN G . -21.42 13.27 8.83
O29 J92 H . -26.21 7.90 17.54
C28 J92 H . -25.21 7.60 16.87
O30 J92 H . -24.27 6.60 17.34
C31 J92 H . -23.63 6.70 18.61
C27 J92 H . -24.92 8.26 15.55
C26 J92 H . -25.44 9.68 15.55
C25 J92 H . -24.83 10.59 14.49
N23 J92 H . -24.14 9.87 13.42
C21 J92 H . -24.69 9.66 12.26
O22 J92 H . -25.88 9.91 12.01
C11 J92 H . -23.86 9.09 11.16
C12 J92 H . -22.82 9.81 10.61
C7 J92 H . -21.98 9.37 9.57
S4 J92 H . -20.80 10.32 8.82
O5 J92 H . -19.57 9.59 8.89
O6 J92 H . -21.35 10.56 7.52
N1 J92 H . -20.81 11.69 9.66
C10 J92 H . -24.13 7.75 10.69
C9 J92 H . -23.36 7.29 9.66
C8 J92 H . -22.37 8.06 9.10
CL1 J92 H . -21.48 7.32 7.77
S14 J92 H . -25.48 6.90 11.40
C15 J92 H . -25.28 5.21 11.12
C20 J92 H . -26.38 4.62 11.97
C19 J92 H . -26.43 3.20 11.53
C18 J92 H . -27.27 3.26 10.25
C17 J92 H . -27.01 4.54 9.42
C16 J92 H . -25.59 5.01 9.63
ZN ZN I . -8.56 -21.08 -17.96
O29 J92 J . -11.15 -27.49 -9.23
C28 J92 J . -11.78 -26.47 -9.52
O30 J92 J . -12.38 -25.69 -8.43
C31 J92 J . -12.94 -26.28 -7.24
C27 J92 J . -11.89 -26.00 -10.99
C26 J92 J . -12.53 -24.62 -11.12
C25 J92 J . -11.96 -23.70 -12.19
N23 J92 J . -11.28 -24.36 -13.29
C21 J92 J . -11.87 -24.56 -14.44
O22 J92 J . -13.07 -24.28 -14.69
C11 J92 J . -11.01 -25.14 -15.52
C12 J92 J . -9.99 -24.42 -16.10
C7 J92 J . -9.16 -24.93 -17.12
S4 J92 J . -7.96 -24.02 -17.90
O5 J92 J . -8.45 -23.78 -19.25
O6 J92 J . -6.74 -24.73 -17.83
N1 J92 J . -7.87 -22.71 -17.02
C10 J92 J . -11.36 -26.47 -15.96
C9 J92 J . -10.63 -27.02 -16.99
C8 J92 J . -9.54 -26.29 -17.53
CL1 J92 J . -8.65 -27.07 -18.82
S14 J92 J . -12.67 -27.33 -15.20
C15 J92 J . -12.28 -29.00 -15.67
C20 J92 J . -12.37 -29.89 -14.42
C19 J92 J . -13.47 -30.88 -14.63
C18 J92 J . -14.70 -30.18 -15.18
C17 J92 J . -14.53 -29.70 -16.63
C16 J92 J . -13.06 -29.42 -16.91
ZN ZN K . 20.23 -16.26 -5.29
O29 J92 L . 18.56 -22.99 3.39
C28 J92 L . 18.84 -23.40 2.28
O30 J92 L . 18.08 -24.58 1.82
C31 J92 L . 18.57 -25.91 2.06
C27 J92 L . 19.93 -22.72 1.47
C26 J92 L . 19.78 -23.06 -0.01
C25 J92 L . 20.55 -22.20 -1.02
N23 J92 L . 20.20 -20.79 -0.92
C21 J92 L . 21.11 -19.87 -0.74
O22 J92 L . 22.32 -20.04 -0.75
C11 J92 L . 20.63 -18.47 -0.51
C12 J92 L . 20.07 -17.74 -1.55
C7 J92 L . 19.64 -16.41 -1.40
S4 J92 L . 19.00 -15.50 -2.65
O5 J92 L . 17.71 -14.97 -2.31
O6 J92 L . 19.96 -14.50 -2.98
N1 J92 L . 18.88 -16.42 -3.96
C10 J92 L . 20.83 -17.89 0.82
C9 J92 L . 20.42 -16.60 1.02
C8 J92 L . 19.84 -15.89 -0.02
CL1 J92 L . 19.31 -14.24 0.32
S14 J92 L . 21.54 -18.87 2.04
C15 J92 L . 21.29 -18.18 3.62
C20 J92 L . 19.82 -18.25 3.90
C19 J92 L . 19.41 -19.44 4.75
C18 J92 L . 20.14 -19.44 6.09
C17 J92 L . 21.51 -18.78 6.01
C16 J92 L . 22.10 -18.99 4.65
#